data_2GTG
# 
_entry.id   2GTG 
# 
_audit_conform.dict_name       mmcif_pdbx.dic 
_audit_conform.dict_version    5.397 
_audit_conform.dict_location   http://mmcif.pdb.org/dictionaries/ascii/mmcif_pdbx.dic 
# 
loop_
_database_2.database_id 
_database_2.database_code 
_database_2.pdbx_database_accession 
_database_2.pdbx_DOI 
PDB   2GTG         pdb_00002gtg 10.2210/pdb2gtg/pdb 
RCSB  RCSB037528   ?            ?                   
WWPDB D_1000037528 ?            ?                   
# 
loop_
_pdbx_audit_revision_history.ordinal 
_pdbx_audit_revision_history.data_content_type 
_pdbx_audit_revision_history.major_revision 
_pdbx_audit_revision_history.minor_revision 
_pdbx_audit_revision_history.revision_date 
1 'Structure model' 1 0 2006-07-25 
2 'Structure model' 1 1 2008-05-01 
3 'Structure model' 1 2 2011-07-13 
4 'Structure model' 1 3 2023-08-30 
5 'Structure model' 1 4 2024-10-30 
# 
_pdbx_audit_revision_details.ordinal             1 
_pdbx_audit_revision_details.revision_ordinal    1 
_pdbx_audit_revision_details.data_content_type   'Structure model' 
_pdbx_audit_revision_details.provider            repository 
_pdbx_audit_revision_details.type                'Initial release' 
_pdbx_audit_revision_details.description         ? 
_pdbx_audit_revision_details.details             ? 
# 
loop_
_pdbx_audit_revision_group.ordinal 
_pdbx_audit_revision_group.revision_ordinal 
_pdbx_audit_revision_group.data_content_type 
_pdbx_audit_revision_group.group 
1 2 'Structure model' 'Version format compliance' 
2 3 'Structure model' Advisory                    
3 3 'Structure model' 'Version format compliance' 
4 4 'Structure model' 'Data collection'           
5 4 'Structure model' 'Database references'       
6 4 'Structure model' 'Refinement description'    
7 5 'Structure model' 'Structure summary'         
# 
loop_
_pdbx_audit_revision_category.ordinal 
_pdbx_audit_revision_category.revision_ordinal 
_pdbx_audit_revision_category.data_content_type 
_pdbx_audit_revision_category.category 
1 4 'Structure model' chem_comp_atom                
2 4 'Structure model' chem_comp_bond                
3 4 'Structure model' database_2                    
4 4 'Structure model' pdbx_initial_refinement_model 
5 4 'Structure model' struct_ref_seq_dif            
6 5 'Structure model' pdbx_entry_details            
7 5 'Structure model' pdbx_modification_feature     
# 
loop_
_pdbx_audit_revision_item.ordinal 
_pdbx_audit_revision_item.revision_ordinal 
_pdbx_audit_revision_item.data_content_type 
_pdbx_audit_revision_item.item 
1 4 'Structure model' '_database_2.pdbx_DOI'                
2 4 'Structure model' '_database_2.pdbx_database_accession' 
3 4 'Structure model' '_struct_ref_seq_dif.details'         
# 
_pdbx_database_status.status_code                     REL 
_pdbx_database_status.entry_id                        2GTG 
_pdbx_database_status.recvd_initial_deposition_date   2006-04-28 
_pdbx_database_status.deposit_site                    RCSB 
_pdbx_database_status.process_site                    RCSB 
_pdbx_database_status.status_code_sf                  REL 
_pdbx_database_status.status_code_mr                  ? 
_pdbx_database_status.SG_entry                        ? 
_pdbx_database_status.pdb_format_compatible           Y 
_pdbx_database_status.status_code_cs                  ? 
_pdbx_database_status.status_code_nmr_data            ? 
_pdbx_database_status.methods_development_category    ? 
# 
loop_
_pdbx_database_related.db_name 
_pdbx_database_related.db_id 
_pdbx_database_related.details 
_pdbx_database_related.content_type 
PDB 1N69 'Crystal Structure of Human Saposin B' unspecified 
PDB 1M12 'NMR Structure of Human Saposin C'     unspecified 
PDB 2DOB 'Crystal Structure of Saposin A'       unspecified 
# 
loop_
_audit_author.name 
_audit_author.pdbx_ordinal 
'Prive, G.G.' 1 
'Ahn, V.E.'   2 
# 
_citation.id                        primary 
_citation.title                     'Crystal structures of saposins A and C.' 
_citation.journal_abbrev            'Protein Sci.' 
_citation.journal_volume            15 
_citation.page_first                1849 
_citation.page_last                 1857 
_citation.year                      2006 
_citation.journal_id_ASTM           PRCIEI 
_citation.country                   US 
_citation.journal_id_ISSN           0961-8368 
_citation.journal_id_CSD            0795 
_citation.book_publisher            ? 
_citation.pdbx_database_id_PubMed   16823039 
_citation.pdbx_database_id_DOI      10.1110/ps.062256606 
# 
loop_
_citation_author.citation_id 
_citation_author.name 
_citation_author.ordinal 
_citation_author.identifier_ORCID 
primary 'Ahn, V.E.'     1 ? 
primary 'Leyko, P.'     2 ? 
primary 'Alattia, J.R.' 3 ? 
primary 'Chen, L.'      4 ? 
primary 'Prive, G.G.'   5 ? 
# 
loop_
_entity.id 
_entity.type 
_entity.src_method 
_entity.pdbx_description 
_entity.formula_weight 
_entity.pdbx_number_of_molecules 
_entity.pdbx_ec 
_entity.pdbx_mutation 
_entity.pdbx_fragment 
_entity.details 
1 polymer man 'Proactivator polypeptide' 9305.688 1  ? ? 'saposin C, residues 311-391' ? 
2 water   nat water                      18.015   12 ? ? ?                             ? 
# 
_entity_poly.entity_id                      1 
_entity_poly.type                           'polypeptide(L)' 
_entity_poly.nstd_linkage                   no 
_entity_poly.nstd_monomer                   no 
_entity_poly.pdbx_seq_one_letter_code       
;MDSDVYCEVCEFLVKEVTKLIDNNKTEKEILDAFDKMCSKLPKSLSEECQEVVDTYGSSILSILLEEVSPELVCSMLHLC
SGT
;
_entity_poly.pdbx_seq_one_letter_code_can   
;MDSDVYCEVCEFLVKEVTKLIDNNKTEKEILDAFDKMCSKLPKSLSEECQEVVDTYGSSILSILLEEVSPELVCSMLHLC
SGT
;
_entity_poly.pdbx_strand_id                 A 
_entity_poly.pdbx_target_identifier         ? 
# 
_pdbx_entity_nonpoly.entity_id   2 
_pdbx_entity_nonpoly.name        water 
_pdbx_entity_nonpoly.comp_id     HOH 
# 
loop_
_entity_poly_seq.entity_id 
_entity_poly_seq.num 
_entity_poly_seq.mon_id 
_entity_poly_seq.hetero 
1 1  MET n 
1 2  ASP n 
1 3  SER n 
1 4  ASP n 
1 5  VAL n 
1 6  TYR n 
1 7  CYS n 
1 8  GLU n 
1 9  VAL n 
1 10 CYS n 
1 11 GLU n 
1 12 PHE n 
1 13 LEU n 
1 14 VAL n 
1 15 LYS n 
1 16 GLU n 
1 17 VAL n 
1 18 THR n 
1 19 LYS n 
1 20 LEU n 
1 21 ILE n 
1 22 ASP n 
1 23 ASN n 
1 24 ASN n 
1 25 LYS n 
1 26 THR n 
1 27 GLU n 
1 28 LYS n 
1 29 GLU n 
1 30 ILE n 
1 31 LEU n 
1 32 ASP n 
1 33 ALA n 
1 34 PHE n 
1 35 ASP n 
1 36 LYS n 
1 37 MET n 
1 38 CYS n 
1 39 SER n 
1 40 LYS n 
1 41 LEU n 
1 42 PRO n 
1 43 LYS n 
1 44 SER n 
1 45 LEU n 
1 46 SER n 
1 47 GLU n 
1 48 GLU n 
1 49 CYS n 
1 50 GLN n 
1 51 GLU n 
1 52 VAL n 
1 53 VAL n 
1 54 ASP n 
1 55 THR n 
1 56 TYR n 
1 57 GLY n 
1 58 SER n 
1 59 SER n 
1 60 ILE n 
1 61 LEU n 
1 62 SER n 
1 63 ILE n 
1 64 LEU n 
1 65 LEU n 
1 66 GLU n 
1 67 GLU n 
1 68 VAL n 
1 69 SER n 
1 70 PRO n 
1 71 GLU n 
1 72 LEU n 
1 73 VAL n 
1 74 CYS n 
1 75 SER n 
1 76 MET n 
1 77 LEU n 
1 78 HIS n 
1 79 LEU n 
1 80 CYS n 
1 81 SER n 
1 82 GLY n 
1 83 THR n 
# 
_entity_src_gen.entity_id                          1 
_entity_src_gen.pdbx_src_id                        1 
_entity_src_gen.pdbx_alt_source_flag               sample 
_entity_src_gen.pdbx_seq_type                      ? 
_entity_src_gen.pdbx_beg_seq_num                   ? 
_entity_src_gen.pdbx_end_seq_num                   ? 
_entity_src_gen.gene_src_common_name               human 
_entity_src_gen.gene_src_genus                     Homo 
_entity_src_gen.pdbx_gene_src_gene                 PSAP 
_entity_src_gen.gene_src_species                   ? 
_entity_src_gen.gene_src_strain                    ? 
_entity_src_gen.gene_src_tissue                    ? 
_entity_src_gen.gene_src_tissue_fraction           ? 
_entity_src_gen.gene_src_details                   ? 
_entity_src_gen.pdbx_gene_src_fragment             ? 
_entity_src_gen.pdbx_gene_src_scientific_name      'Homo sapiens' 
_entity_src_gen.pdbx_gene_src_ncbi_taxonomy_id     9606 
_entity_src_gen.pdbx_gene_src_variant              ? 
_entity_src_gen.pdbx_gene_src_cell_line            ? 
_entity_src_gen.pdbx_gene_src_atcc                 ? 
_entity_src_gen.pdbx_gene_src_organ                ? 
_entity_src_gen.pdbx_gene_src_organelle            ? 
_entity_src_gen.pdbx_gene_src_cell                 ? 
_entity_src_gen.pdbx_gene_src_cellular_location    ? 
_entity_src_gen.host_org_common_name               ? 
_entity_src_gen.pdbx_host_org_scientific_name      'Escherichia coli' 
_entity_src_gen.pdbx_host_org_ncbi_taxonomy_id     562 
_entity_src_gen.host_org_genus                     Escherichia 
_entity_src_gen.pdbx_host_org_gene                 ? 
_entity_src_gen.pdbx_host_org_organ                ? 
_entity_src_gen.host_org_species                   ? 
_entity_src_gen.pdbx_host_org_tissue               ? 
_entity_src_gen.pdbx_host_org_tissue_fraction      ? 
_entity_src_gen.pdbx_host_org_strain               'AD494(DE3)' 
_entity_src_gen.pdbx_host_org_variant              ? 
_entity_src_gen.pdbx_host_org_cell_line            ? 
_entity_src_gen.pdbx_host_org_atcc                 ? 
_entity_src_gen.pdbx_host_org_culture_collection   ? 
_entity_src_gen.pdbx_host_org_cell                 ? 
_entity_src_gen.pdbx_host_org_organelle            ? 
_entity_src_gen.pdbx_host_org_cellular_location    ? 
_entity_src_gen.pdbx_host_org_vector_type          plasmid 
_entity_src_gen.pdbx_host_org_vector               ? 
_entity_src_gen.host_org_details                   ? 
_entity_src_gen.expression_system_id               ? 
_entity_src_gen.plasmid_name                       pET16 
_entity_src_gen.plasmid_details                    ? 
_entity_src_gen.pdbx_description                   ? 
# 
loop_
_chem_comp.id 
_chem_comp.type 
_chem_comp.mon_nstd_flag 
_chem_comp.name 
_chem_comp.pdbx_synonyms 
_chem_comp.formula 
_chem_comp.formula_weight 
ALA 'L-peptide linking' y ALANINE         ? 'C3 H7 N O2'     89.093  
ASN 'L-peptide linking' y ASPARAGINE      ? 'C4 H8 N2 O3'    132.118 
ASP 'L-peptide linking' y 'ASPARTIC ACID' ? 'C4 H7 N O4'     133.103 
CYS 'L-peptide linking' y CYSTEINE        ? 'C3 H7 N O2 S'   121.158 
GLN 'L-peptide linking' y GLUTAMINE       ? 'C5 H10 N2 O3'   146.144 
GLU 'L-peptide linking' y 'GLUTAMIC ACID' ? 'C5 H9 N O4'     147.129 
GLY 'peptide linking'   y GLYCINE         ? 'C2 H5 N O2'     75.067  
HIS 'L-peptide linking' y HISTIDINE       ? 'C6 H10 N3 O2 1' 156.162 
HOH non-polymer         . WATER           ? 'H2 O'           18.015  
ILE 'L-peptide linking' y ISOLEUCINE      ? 'C6 H13 N O2'    131.173 
LEU 'L-peptide linking' y LEUCINE         ? 'C6 H13 N O2'    131.173 
LYS 'L-peptide linking' y LYSINE          ? 'C6 H15 N2 O2 1' 147.195 
MET 'L-peptide linking' y METHIONINE      ? 'C5 H11 N O2 S'  149.211 
PHE 'L-peptide linking' y PHENYLALANINE   ? 'C9 H11 N O2'    165.189 
PRO 'L-peptide linking' y PROLINE         ? 'C5 H9 N O2'     115.130 
SER 'L-peptide linking' y SERINE          ? 'C3 H7 N O3'     105.093 
THR 'L-peptide linking' y THREONINE       ? 'C4 H9 N O3'     119.119 
TYR 'L-peptide linking' y TYROSINE        ? 'C9 H11 N O3'    181.189 
VAL 'L-peptide linking' y VALINE          ? 'C5 H11 N O2'    117.146 
# 
loop_
_pdbx_poly_seq_scheme.asym_id 
_pdbx_poly_seq_scheme.entity_id 
_pdbx_poly_seq_scheme.seq_id 
_pdbx_poly_seq_scheme.mon_id 
_pdbx_poly_seq_scheme.ndb_seq_num 
_pdbx_poly_seq_scheme.pdb_seq_num 
_pdbx_poly_seq_scheme.auth_seq_num 
_pdbx_poly_seq_scheme.pdb_mon_id 
_pdbx_poly_seq_scheme.auth_mon_id 
_pdbx_poly_seq_scheme.pdb_strand_id 
_pdbx_poly_seq_scheme.pdb_ins_code 
_pdbx_poly_seq_scheme.hetero 
A 1 1  MET 1  -1 ?  ?   ?   A . n 
A 1 2  ASP 2  0  ?  ?   ?   A . n 
A 1 3  SER 3  1  ?  ?   ?   A . n 
A 1 4  ASP 4  2  2  ASP ASP A . n 
A 1 5  VAL 5  3  3  VAL VAL A . n 
A 1 6  TYR 6  4  4  TYR TYR A . n 
A 1 7  CYS 7  5  5  CYS CYS A . n 
A 1 8  GLU 8  6  6  GLU GLU A . n 
A 1 9  VAL 9  7  7  VAL VAL A . n 
A 1 10 CYS 10 8  8  CYS CYS A . n 
A 1 11 GLU 11 9  9  GLU GLU A . n 
A 1 12 PHE 12 10 10 PHE PHE A . n 
A 1 13 LEU 13 11 11 LEU LEU A . n 
A 1 14 VAL 14 12 12 VAL VAL A . n 
A 1 15 LYS 15 13 13 LYS LYS A . n 
A 1 16 GLU 16 14 14 GLU GLU A . n 
A 1 17 VAL 17 15 15 VAL VAL A . n 
A 1 18 THR 18 16 16 THR THR A . n 
A 1 19 LYS 19 17 17 LYS LYS A . n 
A 1 20 LEU 20 18 18 LEU LEU A . n 
A 1 21 ILE 21 19 19 ILE ILE A . n 
A 1 22 ASP 22 20 20 ASP ASP A . n 
A 1 23 ASN 23 21 21 ASN ASN A . n 
A 1 24 ASN 24 22 22 ASN ASN A . n 
A 1 25 LYS 25 23 23 LYS LYS A . n 
A 1 26 THR 26 24 24 THR THR A . n 
A 1 27 GLU 27 25 25 GLU GLU A . n 
A 1 28 LYS 28 26 26 LYS LYS A . n 
A 1 29 GLU 29 27 27 GLU GLU A . n 
A 1 30 ILE 30 28 28 ILE ILE A . n 
A 1 31 LEU 31 29 29 LEU LEU A . n 
A 1 32 ASP 32 30 30 ASP ASP A . n 
A 1 33 ALA 33 31 31 ALA ALA A . n 
A 1 34 PHE 34 32 32 PHE PHE A . n 
A 1 35 ASP 35 33 33 ASP ASP A . n 
A 1 36 LYS 36 34 34 LYS LYS A . n 
A 1 37 MET 37 35 35 MET MET A . n 
A 1 38 CYS 38 36 36 CYS CYS A . n 
A 1 39 SER 39 37 37 SER SER A . n 
A 1 40 LYS 40 38 38 LYS LYS A . n 
A 1 41 LEU 41 39 39 LEU LEU A . n 
A 1 42 PRO 42 40 40 PRO PRO A . n 
A 1 43 LYS 43 41 41 LYS LYS A . n 
A 1 44 SER 44 42 42 SER SER A . n 
A 1 45 LEU 45 43 43 LEU LEU A . n 
A 1 46 SER 46 44 44 SER SER A . n 
A 1 47 GLU 47 45 45 GLU GLU A . n 
A 1 48 GLU 48 46 46 GLU GLU A . n 
A 1 49 CYS 49 47 47 CYS CYS A . n 
A 1 50 GLN 50 48 48 GLN GLN A . n 
A 1 51 GLU 51 49 49 GLU GLU A . n 
A 1 52 VAL 52 50 50 VAL VAL A . n 
A 1 53 VAL 53 51 51 VAL VAL A . n 
A 1 54 ASP 54 52 52 ASP ASP A . n 
A 1 55 THR 55 53 53 THR THR A . n 
A 1 56 TYR 56 54 54 TYR TYR A . n 
A 1 57 GLY 57 55 55 GLY GLY A . n 
A 1 58 SER 58 56 56 SER SER A . n 
A 1 59 SER 59 57 57 SER SER A . n 
A 1 60 ILE 60 58 58 ILE ILE A . n 
A 1 61 LEU 61 59 59 LEU LEU A . n 
A 1 62 SER 62 60 60 SER SER A . n 
A 1 63 ILE 63 61 61 ILE ILE A . n 
A 1 64 LEU 64 62 62 LEU LEU A . n 
A 1 65 LEU 65 63 63 LEU LEU A . n 
A 1 66 GLU 66 64 64 GLU GLU A . n 
A 1 67 GLU 67 65 65 GLU GLU A . n 
A 1 68 VAL 68 66 66 VAL VAL A . n 
A 1 69 SER 69 67 67 SER SER A . n 
A 1 70 PRO 70 68 68 PRO PRO A . n 
A 1 71 GLU 71 69 69 GLU GLU A . n 
A 1 72 LEU 72 70 70 LEU LEU A . n 
A 1 73 VAL 73 71 71 VAL VAL A . n 
A 1 74 CYS 74 72 72 CYS CYS A . n 
A 1 75 SER 75 73 73 SER SER A . n 
A 1 76 MET 76 74 74 MET MET A . n 
A 1 77 LEU 77 75 75 LEU LEU A . n 
A 1 78 HIS 78 76 76 HIS HIS A . n 
A 1 79 LEU 79 77 77 LEU LEU A . n 
A 1 80 CYS 80 78 78 CYS CYS A . n 
A 1 81 SER 81 79 79 SER SER A . n 
A 1 82 GLY 82 80 ?  ?   ?   A . n 
A 1 83 THR 83 81 ?  ?   ?   A . n 
# 
loop_
_pdbx_nonpoly_scheme.asym_id 
_pdbx_nonpoly_scheme.entity_id 
_pdbx_nonpoly_scheme.mon_id 
_pdbx_nonpoly_scheme.ndb_seq_num 
_pdbx_nonpoly_scheme.pdb_seq_num 
_pdbx_nonpoly_scheme.auth_seq_num 
_pdbx_nonpoly_scheme.pdb_mon_id 
_pdbx_nonpoly_scheme.auth_mon_id 
_pdbx_nonpoly_scheme.pdb_strand_id 
_pdbx_nonpoly_scheme.pdb_ins_code 
B 2 HOH 1  82 3  HOH HOH A . 
B 2 HOH 2  83 4  HOH HOH A . 
B 2 HOH 3  84 6  HOH HOH A . 
B 2 HOH 4  85 7  HOH HOH A . 
B 2 HOH 5  86 8  HOH HOH A . 
B 2 HOH 6  87 9  HOH HOH A . 
B 2 HOH 7  88 10 HOH HOH A . 
B 2 HOH 8  89 11 HOH HOH A . 
B 2 HOH 9  90 12 HOH HOH A . 
B 2 HOH 10 91 15 HOH HOH A . 
B 2 HOH 11 92 16 HOH HOH A . 
B 2 HOH 12 93 17 HOH HOH A . 
# 
loop_
_software.name 
_software.classification 
_software.version 
_software.citation_id 
_software.pdbx_ordinal 
REFMAC    refinement       5.2.0019 ? 1 
DENZO     'data reduction' .        ? 2 
SCALEPACK 'data scaling'   .        ? 3 
AMoRE     phasing          .        ? 4 
# 
_cell.entry_id           2GTG 
_cell.length_a           53.204 
_cell.length_b           53.204 
_cell.length_c           52.460 
_cell.angle_alpha        90.00 
_cell.angle_beta         90.00 
_cell.angle_gamma        120.00 
_cell.Z_PDB              6 
_cell.pdbx_unique_axis   ? 
_cell.length_a_esd       ? 
_cell.length_b_esd       ? 
_cell.length_c_esd       ? 
_cell.angle_alpha_esd    ? 
_cell.angle_beta_esd     ? 
_cell.angle_gamma_esd    ? 
# 
_symmetry.entry_id                         2GTG 
_symmetry.space_group_name_H-M             'P 63' 
_symmetry.pdbx_full_space_group_name_H-M   ? 
_symmetry.cell_setting                     ? 
_symmetry.Int_Tables_number                173 
_symmetry.space_group_name_Hall            ? 
# 
_exptl.entry_id          2GTG 
_exptl.method            'X-RAY DIFFRACTION' 
_exptl.crystals_number   1 
# 
_exptl_crystal.id                    1 
_exptl_crystal.density_meas          ? 
_exptl_crystal.density_Matthews      2.30 
_exptl_crystal.density_percent_sol   46.59 
_exptl_crystal.description           ? 
_exptl_crystal.F_000                 ? 
_exptl_crystal.preparation           ? 
# 
_exptl_crystal_grow.crystal_id      1 
_exptl_crystal_grow.method          'VAPOR DIFFUSION, HANGING DROP' 
_exptl_crystal_grow.temp            298 
_exptl_crystal_grow.temp_details    ? 
_exptl_crystal_grow.pH              6 
_exptl_crystal_grow.pdbx_details    'PEG400, Calcium Chloride, Sodium Hepes, pH 6, VAPOR DIFFUSION, HANGING DROP, temperature 298K' 
_exptl_crystal_grow.pdbx_pH_range   . 
# 
_diffrn.id                     1 
_diffrn.ambient_temp           100 
_diffrn.ambient_temp_details   ? 
_diffrn.crystal_id             1 
# 
_diffrn_detector.diffrn_id              1 
_diffrn_detector.detector               CCD 
_diffrn_detector.type                   'ADSC QUANTUM 4' 
_diffrn_detector.pdbx_collection_date   2003-09-04 
_diffrn_detector.details                ? 
# 
_diffrn_radiation.diffrn_id                        1 
_diffrn_radiation.wavelength_id                    1 
_diffrn_radiation.pdbx_monochromatic_or_laue_m_l   M 
_diffrn_radiation.monochromator                    ? 
_diffrn_radiation.pdbx_diffrn_protocol             'SINGLE WAVELENGTH' 
_diffrn_radiation.pdbx_scattering_type             x-ray 
# 
_diffrn_radiation_wavelength.id           1 
_diffrn_radiation_wavelength.wavelength   0.9794 
_diffrn_radiation_wavelength.wt           1.0 
# 
_diffrn_source.diffrn_id                   1 
_diffrn_source.source                      SYNCHROTRON 
_diffrn_source.type                        'CHESS BEAMLINE F2' 
_diffrn_source.pdbx_synchrotron_site       CHESS 
_diffrn_source.pdbx_synchrotron_beamline   F2 
_diffrn_source.pdbx_wavelength             ? 
_diffrn_source.pdbx_wavelength_list        0.9794 
# 
_reflns.entry_id                     2GTG 
_reflns.observed_criterion_sigma_I   -3 
_reflns.observed_criterion_sigma_F   0. 
_reflns.d_resolution_low             26 
_reflns.d_resolution_high            2.4 
_reflns.number_obs                   3896 
_reflns.number_all                   3896 
_reflns.percent_possible_obs         96.2 
_reflns.pdbx_Rmerge_I_obs            0.06 
_reflns.pdbx_Rsym_value              ? 
_reflns.pdbx_netI_over_sigmaI        ? 
_reflns.B_iso_Wilson_estimate        ? 
_reflns.pdbx_redundancy              15.2 
_reflns.R_free_details               ? 
_reflns.limit_h_max                  ? 
_reflns.limit_h_min                  ? 
_reflns.limit_k_max                  ? 
_reflns.limit_k_min                  ? 
_reflns.limit_l_max                  ? 
_reflns.limit_l_min                  ? 
_reflns.observed_criterion_F_max     ? 
_reflns.observed_criterion_F_min     ? 
_reflns.pdbx_chi_squared             ? 
_reflns.pdbx_scaling_rejects         ? 
_reflns.pdbx_ordinal                 1 
_reflns.pdbx_diffrn_id               1 
# 
_reflns_shell.d_res_high             2.4 
_reflns_shell.d_res_low              2.48 
_reflns_shell.percent_possible_all   74.9 
_reflns_shell.Rmerge_I_obs           0.25 
_reflns_shell.pdbx_Rsym_value        ? 
_reflns_shell.meanI_over_sigI_obs    ? 
_reflns_shell.pdbx_redundancy        ? 
_reflns_shell.percent_possible_obs   ? 
_reflns_shell.number_unique_all      ? 
_reflns_shell.number_measured_all    ? 
_reflns_shell.number_measured_obs    ? 
_reflns_shell.number_unique_obs      ? 
_reflns_shell.pdbx_chi_squared       ? 
_reflns_shell.pdbx_ordinal           1 
_reflns_shell.pdbx_diffrn_id         1 
# 
_refine.entry_id                                 2GTG 
_refine.ls_number_reflns_obs                     2812 
_refine.ls_number_reflns_all                     2812 
_refine.pdbx_ls_sigma_I                          ? 
_refine.pdbx_ls_sigma_F                          0.0 
_refine.pdbx_data_cutoff_high_absF               ? 
_refine.pdbx_data_cutoff_low_absF                ? 
_refine.pdbx_data_cutoff_high_rms_absF           ? 
_refine.ls_d_res_low                             20.00 
_refine.ls_d_res_high                            2.40 
_refine.ls_percent_reflns_obs                    97.76 
_refine.ls_R_factor_obs                          0.22136 
_refine.ls_R_factor_all                          0.22 
_refine.ls_R_factor_R_work                       0.21083 
_refine.ls_R_factor_R_free                       0.28257 
_refine.ls_R_factor_R_free_error                 ? 
_refine.ls_R_factor_R_free_error_details         ? 
_refine.ls_percent_reflns_R_free                 14.2 
_refine.ls_number_reflns_R_free                  465 
_refine.ls_number_parameters                     ? 
_refine.ls_number_restraints                     ? 
_refine.occupancy_min                            ? 
_refine.occupancy_max                            ? 
_refine.correlation_coeff_Fo_to_Fc               .950 
_refine.correlation_coeff_Fo_to_Fc_free          .902 
_refine.B_iso_mean                               75.575 
_refine.aniso_B[1][1]                            1.69 
_refine.aniso_B[2][2]                            1.69 
_refine.aniso_B[3][3]                            -2.54 
_refine.aniso_B[1][2]                            .85 
_refine.aniso_B[1][3]                            .00 
_refine.aniso_B[2][3]                            .00 
_refine.solvent_model_details                    'BABINET MODEL WITH MASK' 
_refine.solvent_model_param_ksol                 ? 
_refine.solvent_model_param_bsol                 ? 
_refine.pdbx_solvent_vdw_probe_radii             1.20 
_refine.pdbx_solvent_ion_probe_radii             .80 
_refine.pdbx_solvent_shrinkage_radii             .80 
_refine.pdbx_ls_cross_valid_method               THROUGHOUT 
_refine.details                                  ? 
_refine.pdbx_starting_model                      'PDB entry 1M12' 
_refine.pdbx_method_to_determine_struct          'MOLECULAR REPLACEMENT' 
_refine.pdbx_isotropic_thermal_model             ? 
_refine.pdbx_stereochemistry_target_values       'MAXIMUM LIKELIHOOD' 
_refine.pdbx_stereochem_target_val_spec_case     ? 
_refine.pdbx_R_Free_selection_details            RANDOM 
_refine.pdbx_overall_ESU_R                       .743 
_refine.pdbx_overall_ESU_R_Free                  .338 
_refine.overall_SU_ML                            .263 
_refine.overall_SU_B                             24.477 
_refine.ls_redundancy_reflns_obs                 ? 
_refine.B_iso_min                                ? 
_refine.B_iso_max                                ? 
_refine.overall_SU_R_Cruickshank_DPI             ? 
_refine.overall_SU_R_free                        ? 
_refine.ls_wR_factor_R_free                      ? 
_refine.ls_wR_factor_R_work                      ? 
_refine.overall_FOM_free_R_set                   ? 
_refine.overall_FOM_work_R_set                   ? 
_refine.pdbx_refine_id                           'X-RAY DIFFRACTION' 
_refine.pdbx_TLS_residual_ADP_flag               'LIKELY RESIDUAL' 
_refine.pdbx_diffrn_id                           1 
_refine.pdbx_overall_phase_error                 ? 
_refine.pdbx_overall_SU_R_free_Cruickshank_DPI   ? 
_refine.pdbx_overall_SU_R_Blow_DPI               ? 
_refine.pdbx_overall_SU_R_free_Blow_DPI          ? 
# 
_refine_hist.pdbx_refine_id                   'X-RAY DIFFRACTION' 
_refine_hist.cycle_id                         LAST 
_refine_hist.pdbx_number_atoms_protein        609 
_refine_hist.pdbx_number_atoms_nucleic_acid   0 
_refine_hist.pdbx_number_atoms_ligand         0 
_refine_hist.number_atoms_solvent             12 
_refine_hist.number_atoms_total               621 
_refine_hist.d_res_high                       2.40 
_refine_hist.d_res_low                        20.00 
# 
loop_
_refine_ls_restr.type 
_refine_ls_restr.dev_ideal 
_refine_ls_restr.dev_ideal_target 
_refine_ls_restr.weight 
_refine_ls_restr.number 
_refine_ls_restr.pdbx_refine_id 
_refine_ls_restr.pdbx_restraint_function 
r_bond_refined_d         .019   .022   ? 619 'X-RAY DIFFRACTION' ? 
r_angle_refined_deg      1.729  2.018  ? 837 'X-RAY DIFFRACTION' ? 
r_dihedral_angle_1_deg   7.751  5.000  ? 77  'X-RAY DIFFRACTION' ? 
r_dihedral_angle_2_deg   49.644 27.917 ? 24  'X-RAY DIFFRACTION' ? 
r_dihedral_angle_3_deg   18.081 15.000 ? 126 'X-RAY DIFFRACTION' ? 
r_chiral_restr           .114   .200   ? 103 'X-RAY DIFFRACTION' ? 
r_gen_planes_refined     .006   .020   ? 432 'X-RAY DIFFRACTION' ? 
r_nbd_refined            .250   .200   ? 307 'X-RAY DIFFRACTION' ? 
r_nbtor_refined          .304   .200   ? 446 'X-RAY DIFFRACTION' ? 
r_xyhbond_nbd_refined    .224   .200   ? 20  'X-RAY DIFFRACTION' ? 
r_symmetry_vdw_refined   .344   .200   ? 21  'X-RAY DIFFRACTION' ? 
r_symmetry_hbond_refined .136   .200   ? 3   'X-RAY DIFFRACTION' ? 
r_mcbond_it              .909   1.500  ? 406 'X-RAY DIFFRACTION' ? 
r_mcangle_it             1.338  2.000  ? 640 'X-RAY DIFFRACTION' ? 
r_scbond_it              2.105  3.000  ? 240 'X-RAY DIFFRACTION' ? 
r_scangle_it             3.249  4.500  ? 197 'X-RAY DIFFRACTION' ? 
# 
_refine_ls_shell.pdbx_total_number_of_bins_used   20 
_refine_ls_shell.d_res_high                       2.400 
_refine_ls_shell.d_res_low                        2.462 
_refine_ls_shell.number_reflns_R_work             173 
_refine_ls_shell.R_factor_R_work                  0.239 
_refine_ls_shell.percent_reflns_obs               87.55 
_refine_ls_shell.R_factor_R_free                  0.399 
_refine_ls_shell.R_factor_R_free_error            ? 
_refine_ls_shell.percent_reflns_R_free            ? 
_refine_ls_shell.number_reflns_R_free             31 
_refine_ls_shell.number_reflns_all                ? 
_refine_ls_shell.R_factor_all                     ? 
_refine_ls_shell.number_reflns_obs                ? 
_refine_ls_shell.redundancy_reflns_obs            ? 
_refine_ls_shell.pdbx_refine_id                   'X-RAY DIFFRACTION' 
# 
_struct.entry_id                  2GTG 
_struct.title                     'Crystal Structure of Human Saposin C' 
_struct.pdbx_model_details        ? 
_struct.pdbx_CASP_flag            ? 
_struct.pdbx_model_type_details   ? 
# 
_struct_keywords.entry_id        2GTG 
_struct_keywords.pdbx_keywords   'LIPID BINDING PROTEIN' 
_struct_keywords.text            'saposin, sphingolipid activator protein, lipid-binding protein, LIPID BINDING PROTEIN' 
# 
loop_
_struct_asym.id 
_struct_asym.pdbx_blank_PDB_chainid_flag 
_struct_asym.pdbx_modified 
_struct_asym.entity_id 
_struct_asym.details 
A N N 1 ? 
B N N 2 ? 
# 
_struct_ref.id                         1 
_struct_ref.db_name                    UNP 
_struct_ref.db_code                    SAP_HUMAN 
_struct_ref.pdbx_db_accession          P07602 
_struct_ref.entity_id                  1 
_struct_ref.pdbx_seq_one_letter_code   
;SDVYCEVCEFLVKEVTKLIDNNKTEKEILDAFDKMCSKLPKSLSEECQEVVDTYGSSILSILLEEVSPELVCSMLHLCSG
T
;
_struct_ref.pdbx_align_begin           311 
_struct_ref.pdbx_db_isoform            ? 
# 
_struct_ref_seq.align_id                      1 
_struct_ref_seq.ref_id                        1 
_struct_ref_seq.pdbx_PDB_id_code              2GTG 
_struct_ref_seq.pdbx_strand_id                A 
_struct_ref_seq.seq_align_beg                 3 
_struct_ref_seq.pdbx_seq_align_beg_ins_code   ? 
_struct_ref_seq.seq_align_end                 83 
_struct_ref_seq.pdbx_seq_align_end_ins_code   ? 
_struct_ref_seq.pdbx_db_accession             P07602 
_struct_ref_seq.db_align_beg                  311 
_struct_ref_seq.pdbx_db_align_beg_ins_code    ? 
_struct_ref_seq.db_align_end                  391 
_struct_ref_seq.pdbx_db_align_end_ins_code    ? 
_struct_ref_seq.pdbx_auth_seq_align_beg       1 
_struct_ref_seq.pdbx_auth_seq_align_end       81 
# 
loop_
_struct_ref_seq_dif.align_id 
_struct_ref_seq_dif.pdbx_pdb_id_code 
_struct_ref_seq_dif.mon_id 
_struct_ref_seq_dif.pdbx_pdb_strand_id 
_struct_ref_seq_dif.seq_num 
_struct_ref_seq_dif.pdbx_pdb_ins_code 
_struct_ref_seq_dif.pdbx_seq_db_name 
_struct_ref_seq_dif.pdbx_seq_db_accession_code 
_struct_ref_seq_dif.db_mon_id 
_struct_ref_seq_dif.pdbx_seq_db_seq_num 
_struct_ref_seq_dif.details 
_struct_ref_seq_dif.pdbx_auth_seq_num 
_struct_ref_seq_dif.pdbx_ordinal 
1 2GTG MET A 1 ? UNP P07602 ? ? 'initiating methionine' -1 1 
1 2GTG ASP A 2 ? UNP P07602 ? ? 'cloning artifact'      0  2 
# 
_pdbx_struct_assembly.id                   1 
_pdbx_struct_assembly.details              author_defined_assembly 
_pdbx_struct_assembly.method_details       ? 
_pdbx_struct_assembly.oligomeric_details   monomeric 
_pdbx_struct_assembly.oligomeric_count     1 
# 
_pdbx_struct_assembly_gen.assembly_id       1 
_pdbx_struct_assembly_gen.oper_expression   1 
_pdbx_struct_assembly_gen.asym_id_list      A,B 
# 
_pdbx_struct_oper_list.id                   1 
_pdbx_struct_oper_list.type                 'identity operation' 
_pdbx_struct_oper_list.name                 1_555 
_pdbx_struct_oper_list.symmetry_operation   x,y,z 
_pdbx_struct_oper_list.matrix[1][1]         1.0000000000 
_pdbx_struct_oper_list.matrix[1][2]         0.0000000000 
_pdbx_struct_oper_list.matrix[1][3]         0.0000000000 
_pdbx_struct_oper_list.vector[1]            0.0000000000 
_pdbx_struct_oper_list.matrix[2][1]         0.0000000000 
_pdbx_struct_oper_list.matrix[2][2]         1.0000000000 
_pdbx_struct_oper_list.matrix[2][3]         0.0000000000 
_pdbx_struct_oper_list.vector[2]            0.0000000000 
_pdbx_struct_oper_list.matrix[3][1]         0.0000000000 
_pdbx_struct_oper_list.matrix[3][2]         0.0000000000 
_pdbx_struct_oper_list.matrix[3][3]         1.0000000000 
_pdbx_struct_oper_list.vector[3]            0.0000000000 
# 
_struct_biol.id   1 
# 
loop_
_struct_conf.conf_type_id 
_struct_conf.id 
_struct_conf.pdbx_PDB_helix_id 
_struct_conf.beg_label_comp_id 
_struct_conf.beg_label_asym_id 
_struct_conf.beg_label_seq_id 
_struct_conf.pdbx_beg_PDB_ins_code 
_struct_conf.end_label_comp_id 
_struct_conf.end_label_asym_id 
_struct_conf.end_label_seq_id 
_struct_conf.pdbx_end_PDB_ins_code 
_struct_conf.beg_auth_comp_id 
_struct_conf.beg_auth_asym_id 
_struct_conf.beg_auth_seq_id 
_struct_conf.end_auth_comp_id 
_struct_conf.end_auth_asym_id 
_struct_conf.end_auth_seq_id 
_struct_conf.pdbx_PDB_helix_class 
_struct_conf.details 
_struct_conf.pdbx_PDB_helix_length 
HELX_P HELX_P1 1 VAL A 5  ? ASN A 23 ? VAL A 3  ASN A 21 1 ? 19 
HELX_P HELX_P2 2 THR A 26 ? CYS A 38 ? THR A 24 CYS A 36 1 ? 13 
HELX_P HELX_P3 3 PRO A 42 ? GLU A 66 ? PRO A 40 GLU A 64 1 ? 25 
HELX_P HELX_P4 4 SER A 69 ? LEU A 77 ? SER A 67 LEU A 75 1 ? 9  
# 
_struct_conf_type.id          HELX_P 
_struct_conf_type.criteria    ? 
_struct_conf_type.reference   ? 
# 
loop_
_struct_conn.id 
_struct_conn.conn_type_id 
_struct_conn.pdbx_leaving_atom_flag 
_struct_conn.pdbx_PDB_id 
_struct_conn.ptnr1_label_asym_id 
_struct_conn.ptnr1_label_comp_id 
_struct_conn.ptnr1_label_seq_id 
_struct_conn.ptnr1_label_atom_id 
_struct_conn.pdbx_ptnr1_label_alt_id 
_struct_conn.pdbx_ptnr1_PDB_ins_code 
_struct_conn.pdbx_ptnr1_standard_comp_id 
_struct_conn.ptnr1_symmetry 
_struct_conn.ptnr2_label_asym_id 
_struct_conn.ptnr2_label_comp_id 
_struct_conn.ptnr2_label_seq_id 
_struct_conn.ptnr2_label_atom_id 
_struct_conn.pdbx_ptnr2_label_alt_id 
_struct_conn.pdbx_ptnr2_PDB_ins_code 
_struct_conn.ptnr1_auth_asym_id 
_struct_conn.ptnr1_auth_comp_id 
_struct_conn.ptnr1_auth_seq_id 
_struct_conn.ptnr2_auth_asym_id 
_struct_conn.ptnr2_auth_comp_id 
_struct_conn.ptnr2_auth_seq_id 
_struct_conn.ptnr2_symmetry 
_struct_conn.pdbx_ptnr3_label_atom_id 
_struct_conn.pdbx_ptnr3_label_seq_id 
_struct_conn.pdbx_ptnr3_label_comp_id 
_struct_conn.pdbx_ptnr3_label_asym_id 
_struct_conn.pdbx_ptnr3_label_alt_id 
_struct_conn.pdbx_ptnr3_PDB_ins_code 
_struct_conn.details 
_struct_conn.pdbx_dist_value 
_struct_conn.pdbx_value_order 
_struct_conn.pdbx_role 
disulf1 disulf ? ? A CYS 7  SG ? ? ? 1_555 A CYS 80 SG ? ? A CYS 5  A CYS 78 1_555 ? ? ? ? ? ? ? 2.035 ? ? 
disulf2 disulf ? ? A CYS 10 SG ? ? ? 1_555 A CYS 74 SG ? ? A CYS 8  A CYS 72 1_555 ? ? ? ? ? ? ? 2.078 ? ? 
disulf3 disulf ? ? A CYS 38 SG ? ? ? 1_555 A CYS 49 SG ? ? A CYS 36 A CYS 47 1_555 ? ? ? ? ? ? ? 2.080 ? ? 
# 
_struct_conn_type.id          disulf 
_struct_conn_type.criteria    ? 
_struct_conn_type.reference   ? 
# 
loop_
_pdbx_modification_feature.ordinal 
_pdbx_modification_feature.label_comp_id 
_pdbx_modification_feature.label_asym_id 
_pdbx_modification_feature.label_seq_id 
_pdbx_modification_feature.label_alt_id 
_pdbx_modification_feature.modified_residue_label_comp_id 
_pdbx_modification_feature.modified_residue_label_asym_id 
_pdbx_modification_feature.modified_residue_label_seq_id 
_pdbx_modification_feature.modified_residue_label_alt_id 
_pdbx_modification_feature.auth_comp_id 
_pdbx_modification_feature.auth_asym_id 
_pdbx_modification_feature.auth_seq_id 
_pdbx_modification_feature.PDB_ins_code 
_pdbx_modification_feature.symmetry 
_pdbx_modification_feature.modified_residue_auth_comp_id 
_pdbx_modification_feature.modified_residue_auth_asym_id 
_pdbx_modification_feature.modified_residue_auth_seq_id 
_pdbx_modification_feature.modified_residue_PDB_ins_code 
_pdbx_modification_feature.modified_residue_symmetry 
_pdbx_modification_feature.comp_id_linking_atom 
_pdbx_modification_feature.modified_residue_id_linking_atom 
_pdbx_modification_feature.modified_residue_id 
_pdbx_modification_feature.ref_pcm_id 
_pdbx_modification_feature.ref_comp_id 
_pdbx_modification_feature.type 
_pdbx_modification_feature.category 
1 CYS A 7  ? CYS A 80 ? CYS A 5  ? 1_555 CYS A 78 ? 1_555 SG SG . . . None 'Disulfide bridge' 
2 CYS A 10 ? CYS A 74 ? CYS A 8  ? 1_555 CYS A 72 ? 1_555 SG SG . . . None 'Disulfide bridge' 
3 CYS A 38 ? CYS A 49 ? CYS A 36 ? 1_555 CYS A 47 ? 1_555 SG SG . . . None 'Disulfide bridge' 
# 
_pdbx_entry_details.entry_id                   2GTG 
_pdbx_entry_details.compound_details           ? 
_pdbx_entry_details.source_details             ? 
_pdbx_entry_details.nonpolymer_details         ? 
_pdbx_entry_details.sequence_details           ? 
_pdbx_entry_details.has_ligand_of_interest     ? 
_pdbx_entry_details.has_protein_modification   Y 
# 
loop_
_pdbx_validate_rmsd_bond.id 
_pdbx_validate_rmsd_bond.PDB_model_num 
_pdbx_validate_rmsd_bond.auth_atom_id_1 
_pdbx_validate_rmsd_bond.auth_asym_id_1 
_pdbx_validate_rmsd_bond.auth_comp_id_1 
_pdbx_validate_rmsd_bond.auth_seq_id_1 
_pdbx_validate_rmsd_bond.PDB_ins_code_1 
_pdbx_validate_rmsd_bond.label_alt_id_1 
_pdbx_validate_rmsd_bond.auth_atom_id_2 
_pdbx_validate_rmsd_bond.auth_asym_id_2 
_pdbx_validate_rmsd_bond.auth_comp_id_2 
_pdbx_validate_rmsd_bond.auth_seq_id_2 
_pdbx_validate_rmsd_bond.PDB_ins_code_2 
_pdbx_validate_rmsd_bond.label_alt_id_2 
_pdbx_validate_rmsd_bond.bond_value 
_pdbx_validate_rmsd_bond.bond_target_value 
_pdbx_validate_rmsd_bond.bond_deviation 
_pdbx_validate_rmsd_bond.bond_standard_deviation 
_pdbx_validate_rmsd_bond.linker_flag 
1 1 CB A SER 37 ? ? OG A SER 37 ? ? 1.500 1.418 0.082 0.013 N 
2 1 CB A SER 42 ? ? OG A SER 42 ? ? 1.503 1.418 0.085 0.013 N 
# 
loop_
_pdbx_validate_torsion.id 
_pdbx_validate_torsion.PDB_model_num 
_pdbx_validate_torsion.auth_comp_id 
_pdbx_validate_torsion.auth_asym_id 
_pdbx_validate_torsion.auth_seq_id 
_pdbx_validate_torsion.PDB_ins_code 
_pdbx_validate_torsion.label_alt_id 
_pdbx_validate_torsion.phi 
_pdbx_validate_torsion.psi 
1 1 VAL A 3  ? ? -178.69 -73.30 
2 1 GLU A 69 ? ? -39.59  -32.86 
# 
loop_
_pdbx_refine_tls.id 
_pdbx_refine_tls.details 
_pdbx_refine_tls.method 
_pdbx_refine_tls.origin_x 
_pdbx_refine_tls.origin_y 
_pdbx_refine_tls.origin_z 
_pdbx_refine_tls.T[1][1] 
_pdbx_refine_tls.T[2][2] 
_pdbx_refine_tls.T[3][3] 
_pdbx_refine_tls.T[1][2] 
_pdbx_refine_tls.T[1][3] 
_pdbx_refine_tls.T[2][3] 
_pdbx_refine_tls.L[1][1] 
_pdbx_refine_tls.L[2][2] 
_pdbx_refine_tls.L[3][3] 
_pdbx_refine_tls.L[1][2] 
_pdbx_refine_tls.L[1][3] 
_pdbx_refine_tls.L[2][3] 
_pdbx_refine_tls.S[1][1] 
_pdbx_refine_tls.S[1][2] 
_pdbx_refine_tls.S[1][3] 
_pdbx_refine_tls.S[2][1] 
_pdbx_refine_tls.S[2][2] 
_pdbx_refine_tls.S[2][3] 
_pdbx_refine_tls.S[3][1] 
_pdbx_refine_tls.S[3][2] 
_pdbx_refine_tls.S[3][3] 
_pdbx_refine_tls.pdbx_refine_id 
1 ? refined -1.2814 3.4567  -2.8733 -0.2467 -0.0970 -0.2661 0.0131  0.1539 0.1891 7.9117  13.3039 8.0068 2.1382 0.3574 2.8164 0.0225 -0.6713 0.2659  0.2825 -0.3623 0.8871  0.2066 -1.0187 0.3400 'X-RAY DIFFRACTION' 
2 ? refined 1.7981  -4.7361 4.1842  0.2167  0.1386  -0.2692 -0.2440 0.0987 0.3311 11.5391 10.1424 6.7129 5.3855 2.4166 3.0832 0.9237 -1.8335 -0.8533 1.5511 -1.1246 -0.2473 1.0234 -0.8114 0.2008 'X-RAY DIFFRACTION' 
# 
loop_
_pdbx_refine_tls_group.id 
_pdbx_refine_tls_group.refine_tls_id 
_pdbx_refine_tls_group.beg_auth_asym_id 
_pdbx_refine_tls_group.beg_auth_seq_id 
_pdbx_refine_tls_group.beg_label_asym_id 
_pdbx_refine_tls_group.beg_label_seq_id 
_pdbx_refine_tls_group.end_auth_asym_id 
_pdbx_refine_tls_group.end_auth_seq_id 
_pdbx_refine_tls_group.end_label_asym_id 
_pdbx_refine_tls_group.end_label_seq_id 
_pdbx_refine_tls_group.selection 
_pdbx_refine_tls_group.pdbx_refine_id 
_pdbx_refine_tls_group.selection_details 
1 1 A 2  A 4  A 22 A 24 ? 'X-RAY DIFFRACTION' ? 
2 1 A 55 A 57 A 79 A 81 ? 'X-RAY DIFFRACTION' ? 
3 2 A 23 A 25 A 54 A 56 ? 'X-RAY DIFFRACTION' ? 
# 
loop_
_pdbx_unobs_or_zero_occ_residues.id 
_pdbx_unobs_or_zero_occ_residues.PDB_model_num 
_pdbx_unobs_or_zero_occ_residues.polymer_flag 
_pdbx_unobs_or_zero_occ_residues.occupancy_flag 
_pdbx_unobs_or_zero_occ_residues.auth_asym_id 
_pdbx_unobs_or_zero_occ_residues.auth_comp_id 
_pdbx_unobs_or_zero_occ_residues.auth_seq_id 
_pdbx_unobs_or_zero_occ_residues.PDB_ins_code 
_pdbx_unobs_or_zero_occ_residues.label_asym_id 
_pdbx_unobs_or_zero_occ_residues.label_comp_id 
_pdbx_unobs_or_zero_occ_residues.label_seq_id 
1 1 Y 1 A MET -1 ? A MET 1  
2 1 Y 1 A ASP 0  ? A ASP 2  
3 1 Y 1 A SER 1  ? A SER 3  
4 1 Y 1 A GLY 80 ? A GLY 82 
5 1 Y 1 A THR 81 ? A THR 83 
# 
loop_
_chem_comp_atom.comp_id 
_chem_comp_atom.atom_id 
_chem_comp_atom.type_symbol 
_chem_comp_atom.pdbx_aromatic_flag 
_chem_comp_atom.pdbx_stereo_config 
_chem_comp_atom.pdbx_ordinal 
ALA N    N N N 1   
ALA CA   C N S 2   
ALA C    C N N 3   
ALA O    O N N 4   
ALA CB   C N N 5   
ALA OXT  O N N 6   
ALA H    H N N 7   
ALA H2   H N N 8   
ALA HA   H N N 9   
ALA HB1  H N N 10  
ALA HB2  H N N 11  
ALA HB3  H N N 12  
ALA HXT  H N N 13  
ASN N    N N N 14  
ASN CA   C N S 15  
ASN C    C N N 16  
ASN O    O N N 17  
ASN CB   C N N 18  
ASN CG   C N N 19  
ASN OD1  O N N 20  
ASN ND2  N N N 21  
ASN OXT  O N N 22  
ASN H    H N N 23  
ASN H2   H N N 24  
ASN HA   H N N 25  
ASN HB2  H N N 26  
ASN HB3  H N N 27  
ASN HD21 H N N 28  
ASN HD22 H N N 29  
ASN HXT  H N N 30  
ASP N    N N N 31  
ASP CA   C N S 32  
ASP C    C N N 33  
ASP O    O N N 34  
ASP CB   C N N 35  
ASP CG   C N N 36  
ASP OD1  O N N 37  
ASP OD2  O N N 38  
ASP OXT  O N N 39  
ASP H    H N N 40  
ASP H2   H N N 41  
ASP HA   H N N 42  
ASP HB2  H N N 43  
ASP HB3  H N N 44  
ASP HD2  H N N 45  
ASP HXT  H N N 46  
CYS N    N N N 47  
CYS CA   C N R 48  
CYS C    C N N 49  
CYS O    O N N 50  
CYS CB   C N N 51  
CYS SG   S N N 52  
CYS OXT  O N N 53  
CYS H    H N N 54  
CYS H2   H N N 55  
CYS HA   H N N 56  
CYS HB2  H N N 57  
CYS HB3  H N N 58  
CYS HG   H N N 59  
CYS HXT  H N N 60  
GLN N    N N N 61  
GLN CA   C N S 62  
GLN C    C N N 63  
GLN O    O N N 64  
GLN CB   C N N 65  
GLN CG   C N N 66  
GLN CD   C N N 67  
GLN OE1  O N N 68  
GLN NE2  N N N 69  
GLN OXT  O N N 70  
GLN H    H N N 71  
GLN H2   H N N 72  
GLN HA   H N N 73  
GLN HB2  H N N 74  
GLN HB3  H N N 75  
GLN HG2  H N N 76  
GLN HG3  H N N 77  
GLN HE21 H N N 78  
GLN HE22 H N N 79  
GLN HXT  H N N 80  
GLU N    N N N 81  
GLU CA   C N S 82  
GLU C    C N N 83  
GLU O    O N N 84  
GLU CB   C N N 85  
GLU CG   C N N 86  
GLU CD   C N N 87  
GLU OE1  O N N 88  
GLU OE2  O N N 89  
GLU OXT  O N N 90  
GLU H    H N N 91  
GLU H2   H N N 92  
GLU HA   H N N 93  
GLU HB2  H N N 94  
GLU HB3  H N N 95  
GLU HG2  H N N 96  
GLU HG3  H N N 97  
GLU HE2  H N N 98  
GLU HXT  H N N 99  
GLY N    N N N 100 
GLY CA   C N N 101 
GLY C    C N N 102 
GLY O    O N N 103 
GLY OXT  O N N 104 
GLY H    H N N 105 
GLY H2   H N N 106 
GLY HA2  H N N 107 
GLY HA3  H N N 108 
GLY HXT  H N N 109 
HIS N    N N N 110 
HIS CA   C N S 111 
HIS C    C N N 112 
HIS O    O N N 113 
HIS CB   C N N 114 
HIS CG   C Y N 115 
HIS ND1  N Y N 116 
HIS CD2  C Y N 117 
HIS CE1  C Y N 118 
HIS NE2  N Y N 119 
HIS OXT  O N N 120 
HIS H    H N N 121 
HIS H2   H N N 122 
HIS HA   H N N 123 
HIS HB2  H N N 124 
HIS HB3  H N N 125 
HIS HD1  H N N 126 
HIS HD2  H N N 127 
HIS HE1  H N N 128 
HIS HE2  H N N 129 
HIS HXT  H N N 130 
HOH O    O N N 131 
HOH H1   H N N 132 
HOH H2   H N N 133 
ILE N    N N N 134 
ILE CA   C N S 135 
ILE C    C N N 136 
ILE O    O N N 137 
ILE CB   C N S 138 
ILE CG1  C N N 139 
ILE CG2  C N N 140 
ILE CD1  C N N 141 
ILE OXT  O N N 142 
ILE H    H N N 143 
ILE H2   H N N 144 
ILE HA   H N N 145 
ILE HB   H N N 146 
ILE HG12 H N N 147 
ILE HG13 H N N 148 
ILE HG21 H N N 149 
ILE HG22 H N N 150 
ILE HG23 H N N 151 
ILE HD11 H N N 152 
ILE HD12 H N N 153 
ILE HD13 H N N 154 
ILE HXT  H N N 155 
LEU N    N N N 156 
LEU CA   C N S 157 
LEU C    C N N 158 
LEU O    O N N 159 
LEU CB   C N N 160 
LEU CG   C N N 161 
LEU CD1  C N N 162 
LEU CD2  C N N 163 
LEU OXT  O N N 164 
LEU H    H N N 165 
LEU H2   H N N 166 
LEU HA   H N N 167 
LEU HB2  H N N 168 
LEU HB3  H N N 169 
LEU HG   H N N 170 
LEU HD11 H N N 171 
LEU HD12 H N N 172 
LEU HD13 H N N 173 
LEU HD21 H N N 174 
LEU HD22 H N N 175 
LEU HD23 H N N 176 
LEU HXT  H N N 177 
LYS N    N N N 178 
LYS CA   C N S 179 
LYS C    C N N 180 
LYS O    O N N 181 
LYS CB   C N N 182 
LYS CG   C N N 183 
LYS CD   C N N 184 
LYS CE   C N N 185 
LYS NZ   N N N 186 
LYS OXT  O N N 187 
LYS H    H N N 188 
LYS H2   H N N 189 
LYS HA   H N N 190 
LYS HB2  H N N 191 
LYS HB3  H N N 192 
LYS HG2  H N N 193 
LYS HG3  H N N 194 
LYS HD2  H N N 195 
LYS HD3  H N N 196 
LYS HE2  H N N 197 
LYS HE3  H N N 198 
LYS HZ1  H N N 199 
LYS HZ2  H N N 200 
LYS HZ3  H N N 201 
LYS HXT  H N N 202 
MET N    N N N 203 
MET CA   C N S 204 
MET C    C N N 205 
MET O    O N N 206 
MET CB   C N N 207 
MET CG   C N N 208 
MET SD   S N N 209 
MET CE   C N N 210 
MET OXT  O N N 211 
MET H    H N N 212 
MET H2   H N N 213 
MET HA   H N N 214 
MET HB2  H N N 215 
MET HB3  H N N 216 
MET HG2  H N N 217 
MET HG3  H N N 218 
MET HE1  H N N 219 
MET HE2  H N N 220 
MET HE3  H N N 221 
MET HXT  H N N 222 
PHE N    N N N 223 
PHE CA   C N S 224 
PHE C    C N N 225 
PHE O    O N N 226 
PHE CB   C N N 227 
PHE CG   C Y N 228 
PHE CD1  C Y N 229 
PHE CD2  C Y N 230 
PHE CE1  C Y N 231 
PHE CE2  C Y N 232 
PHE CZ   C Y N 233 
PHE OXT  O N N 234 
PHE H    H N N 235 
PHE H2   H N N 236 
PHE HA   H N N 237 
PHE HB2  H N N 238 
PHE HB3  H N N 239 
PHE HD1  H N N 240 
PHE HD2  H N N 241 
PHE HE1  H N N 242 
PHE HE2  H N N 243 
PHE HZ   H N N 244 
PHE HXT  H N N 245 
PRO N    N N N 246 
PRO CA   C N S 247 
PRO C    C N N 248 
PRO O    O N N 249 
PRO CB   C N N 250 
PRO CG   C N N 251 
PRO CD   C N N 252 
PRO OXT  O N N 253 
PRO H    H N N 254 
PRO HA   H N N 255 
PRO HB2  H N N 256 
PRO HB3  H N N 257 
PRO HG2  H N N 258 
PRO HG3  H N N 259 
PRO HD2  H N N 260 
PRO HD3  H N N 261 
PRO HXT  H N N 262 
SER N    N N N 263 
SER CA   C N S 264 
SER C    C N N 265 
SER O    O N N 266 
SER CB   C N N 267 
SER OG   O N N 268 
SER OXT  O N N 269 
SER H    H N N 270 
SER H2   H N N 271 
SER HA   H N N 272 
SER HB2  H N N 273 
SER HB3  H N N 274 
SER HG   H N N 275 
SER HXT  H N N 276 
THR N    N N N 277 
THR CA   C N S 278 
THR C    C N N 279 
THR O    O N N 280 
THR CB   C N R 281 
THR OG1  O N N 282 
THR CG2  C N N 283 
THR OXT  O N N 284 
THR H    H N N 285 
THR H2   H N N 286 
THR HA   H N N 287 
THR HB   H N N 288 
THR HG1  H N N 289 
THR HG21 H N N 290 
THR HG22 H N N 291 
THR HG23 H N N 292 
THR HXT  H N N 293 
TYR N    N N N 294 
TYR CA   C N S 295 
TYR C    C N N 296 
TYR O    O N N 297 
TYR CB   C N N 298 
TYR CG   C Y N 299 
TYR CD1  C Y N 300 
TYR CD2  C Y N 301 
TYR CE1  C Y N 302 
TYR CE2  C Y N 303 
TYR CZ   C Y N 304 
TYR OH   O N N 305 
TYR OXT  O N N 306 
TYR H    H N N 307 
TYR H2   H N N 308 
TYR HA   H N N 309 
TYR HB2  H N N 310 
TYR HB3  H N N 311 
TYR HD1  H N N 312 
TYR HD2  H N N 313 
TYR HE1  H N N 314 
TYR HE2  H N N 315 
TYR HH   H N N 316 
TYR HXT  H N N 317 
VAL N    N N N 318 
VAL CA   C N S 319 
VAL C    C N N 320 
VAL O    O N N 321 
VAL CB   C N N 322 
VAL CG1  C N N 323 
VAL CG2  C N N 324 
VAL OXT  O N N 325 
VAL H    H N N 326 
VAL H2   H N N 327 
VAL HA   H N N 328 
VAL HB   H N N 329 
VAL HG11 H N N 330 
VAL HG12 H N N 331 
VAL HG13 H N N 332 
VAL HG21 H N N 333 
VAL HG22 H N N 334 
VAL HG23 H N N 335 
VAL HXT  H N N 336 
# 
loop_
_chem_comp_bond.comp_id 
_chem_comp_bond.atom_id_1 
_chem_comp_bond.atom_id_2 
_chem_comp_bond.value_order 
_chem_comp_bond.pdbx_aromatic_flag 
_chem_comp_bond.pdbx_stereo_config 
_chem_comp_bond.pdbx_ordinal 
ALA N   CA   sing N N 1   
ALA N   H    sing N N 2   
ALA N   H2   sing N N 3   
ALA CA  C    sing N N 4   
ALA CA  CB   sing N N 5   
ALA CA  HA   sing N N 6   
ALA C   O    doub N N 7   
ALA C   OXT  sing N N 8   
ALA CB  HB1  sing N N 9   
ALA CB  HB2  sing N N 10  
ALA CB  HB3  sing N N 11  
ALA OXT HXT  sing N N 12  
ASN N   CA   sing N N 13  
ASN N   H    sing N N 14  
ASN N   H2   sing N N 15  
ASN CA  C    sing N N 16  
ASN CA  CB   sing N N 17  
ASN CA  HA   sing N N 18  
ASN C   O    doub N N 19  
ASN C   OXT  sing N N 20  
ASN CB  CG   sing N N 21  
ASN CB  HB2  sing N N 22  
ASN CB  HB3  sing N N 23  
ASN CG  OD1  doub N N 24  
ASN CG  ND2  sing N N 25  
ASN ND2 HD21 sing N N 26  
ASN ND2 HD22 sing N N 27  
ASN OXT HXT  sing N N 28  
ASP N   CA   sing N N 29  
ASP N   H    sing N N 30  
ASP N   H2   sing N N 31  
ASP CA  C    sing N N 32  
ASP CA  CB   sing N N 33  
ASP CA  HA   sing N N 34  
ASP C   O    doub N N 35  
ASP C   OXT  sing N N 36  
ASP CB  CG   sing N N 37  
ASP CB  HB2  sing N N 38  
ASP CB  HB3  sing N N 39  
ASP CG  OD1  doub N N 40  
ASP CG  OD2  sing N N 41  
ASP OD2 HD2  sing N N 42  
ASP OXT HXT  sing N N 43  
CYS N   CA   sing N N 44  
CYS N   H    sing N N 45  
CYS N   H2   sing N N 46  
CYS CA  C    sing N N 47  
CYS CA  CB   sing N N 48  
CYS CA  HA   sing N N 49  
CYS C   O    doub N N 50  
CYS C   OXT  sing N N 51  
CYS CB  SG   sing N N 52  
CYS CB  HB2  sing N N 53  
CYS CB  HB3  sing N N 54  
CYS SG  HG   sing N N 55  
CYS OXT HXT  sing N N 56  
GLN N   CA   sing N N 57  
GLN N   H    sing N N 58  
GLN N   H2   sing N N 59  
GLN CA  C    sing N N 60  
GLN CA  CB   sing N N 61  
GLN CA  HA   sing N N 62  
GLN C   O    doub N N 63  
GLN C   OXT  sing N N 64  
GLN CB  CG   sing N N 65  
GLN CB  HB2  sing N N 66  
GLN CB  HB3  sing N N 67  
GLN CG  CD   sing N N 68  
GLN CG  HG2  sing N N 69  
GLN CG  HG3  sing N N 70  
GLN CD  OE1  doub N N 71  
GLN CD  NE2  sing N N 72  
GLN NE2 HE21 sing N N 73  
GLN NE2 HE22 sing N N 74  
GLN OXT HXT  sing N N 75  
GLU N   CA   sing N N 76  
GLU N   H    sing N N 77  
GLU N   H2   sing N N 78  
GLU CA  C    sing N N 79  
GLU CA  CB   sing N N 80  
GLU CA  HA   sing N N 81  
GLU C   O    doub N N 82  
GLU C   OXT  sing N N 83  
GLU CB  CG   sing N N 84  
GLU CB  HB2  sing N N 85  
GLU CB  HB3  sing N N 86  
GLU CG  CD   sing N N 87  
GLU CG  HG2  sing N N 88  
GLU CG  HG3  sing N N 89  
GLU CD  OE1  doub N N 90  
GLU CD  OE2  sing N N 91  
GLU OE2 HE2  sing N N 92  
GLU OXT HXT  sing N N 93  
GLY N   CA   sing N N 94  
GLY N   H    sing N N 95  
GLY N   H2   sing N N 96  
GLY CA  C    sing N N 97  
GLY CA  HA2  sing N N 98  
GLY CA  HA3  sing N N 99  
GLY C   O    doub N N 100 
GLY C   OXT  sing N N 101 
GLY OXT HXT  sing N N 102 
HIS N   CA   sing N N 103 
HIS N   H    sing N N 104 
HIS N   H2   sing N N 105 
HIS CA  C    sing N N 106 
HIS CA  CB   sing N N 107 
HIS CA  HA   sing N N 108 
HIS C   O    doub N N 109 
HIS C   OXT  sing N N 110 
HIS CB  CG   sing N N 111 
HIS CB  HB2  sing N N 112 
HIS CB  HB3  sing N N 113 
HIS CG  ND1  sing Y N 114 
HIS CG  CD2  doub Y N 115 
HIS ND1 CE1  doub Y N 116 
HIS ND1 HD1  sing N N 117 
HIS CD2 NE2  sing Y N 118 
HIS CD2 HD2  sing N N 119 
HIS CE1 NE2  sing Y N 120 
HIS CE1 HE1  sing N N 121 
HIS NE2 HE2  sing N N 122 
HIS OXT HXT  sing N N 123 
HOH O   H1   sing N N 124 
HOH O   H2   sing N N 125 
ILE N   CA   sing N N 126 
ILE N   H    sing N N 127 
ILE N   H2   sing N N 128 
ILE CA  C    sing N N 129 
ILE CA  CB   sing N N 130 
ILE CA  HA   sing N N 131 
ILE C   O    doub N N 132 
ILE C   OXT  sing N N 133 
ILE CB  CG1  sing N N 134 
ILE CB  CG2  sing N N 135 
ILE CB  HB   sing N N 136 
ILE CG1 CD1  sing N N 137 
ILE CG1 HG12 sing N N 138 
ILE CG1 HG13 sing N N 139 
ILE CG2 HG21 sing N N 140 
ILE CG2 HG22 sing N N 141 
ILE CG2 HG23 sing N N 142 
ILE CD1 HD11 sing N N 143 
ILE CD1 HD12 sing N N 144 
ILE CD1 HD13 sing N N 145 
ILE OXT HXT  sing N N 146 
LEU N   CA   sing N N 147 
LEU N   H    sing N N 148 
LEU N   H2   sing N N 149 
LEU CA  C    sing N N 150 
LEU CA  CB   sing N N 151 
LEU CA  HA   sing N N 152 
LEU C   O    doub N N 153 
LEU C   OXT  sing N N 154 
LEU CB  CG   sing N N 155 
LEU CB  HB2  sing N N 156 
LEU CB  HB3  sing N N 157 
LEU CG  CD1  sing N N 158 
LEU CG  CD2  sing N N 159 
LEU CG  HG   sing N N 160 
LEU CD1 HD11 sing N N 161 
LEU CD1 HD12 sing N N 162 
LEU CD1 HD13 sing N N 163 
LEU CD2 HD21 sing N N 164 
LEU CD2 HD22 sing N N 165 
LEU CD2 HD23 sing N N 166 
LEU OXT HXT  sing N N 167 
LYS N   CA   sing N N 168 
LYS N   H    sing N N 169 
LYS N   H2   sing N N 170 
LYS CA  C    sing N N 171 
LYS CA  CB   sing N N 172 
LYS CA  HA   sing N N 173 
LYS C   O    doub N N 174 
LYS C   OXT  sing N N 175 
LYS CB  CG   sing N N 176 
LYS CB  HB2  sing N N 177 
LYS CB  HB3  sing N N 178 
LYS CG  CD   sing N N 179 
LYS CG  HG2  sing N N 180 
LYS CG  HG3  sing N N 181 
LYS CD  CE   sing N N 182 
LYS CD  HD2  sing N N 183 
LYS CD  HD3  sing N N 184 
LYS CE  NZ   sing N N 185 
LYS CE  HE2  sing N N 186 
LYS CE  HE3  sing N N 187 
LYS NZ  HZ1  sing N N 188 
LYS NZ  HZ2  sing N N 189 
LYS NZ  HZ3  sing N N 190 
LYS OXT HXT  sing N N 191 
MET N   CA   sing N N 192 
MET N   H    sing N N 193 
MET N   H2   sing N N 194 
MET CA  C    sing N N 195 
MET CA  CB   sing N N 196 
MET CA  HA   sing N N 197 
MET C   O    doub N N 198 
MET C   OXT  sing N N 199 
MET CB  CG   sing N N 200 
MET CB  HB2  sing N N 201 
MET CB  HB3  sing N N 202 
MET CG  SD   sing N N 203 
MET CG  HG2  sing N N 204 
MET CG  HG3  sing N N 205 
MET SD  CE   sing N N 206 
MET CE  HE1  sing N N 207 
MET CE  HE2  sing N N 208 
MET CE  HE3  sing N N 209 
MET OXT HXT  sing N N 210 
PHE N   CA   sing N N 211 
PHE N   H    sing N N 212 
PHE N   H2   sing N N 213 
PHE CA  C    sing N N 214 
PHE CA  CB   sing N N 215 
PHE CA  HA   sing N N 216 
PHE C   O    doub N N 217 
PHE C   OXT  sing N N 218 
PHE CB  CG   sing N N 219 
PHE CB  HB2  sing N N 220 
PHE CB  HB3  sing N N 221 
PHE CG  CD1  doub Y N 222 
PHE CG  CD2  sing Y N 223 
PHE CD1 CE1  sing Y N 224 
PHE CD1 HD1  sing N N 225 
PHE CD2 CE2  doub Y N 226 
PHE CD2 HD2  sing N N 227 
PHE CE1 CZ   doub Y N 228 
PHE CE1 HE1  sing N N 229 
PHE CE2 CZ   sing Y N 230 
PHE CE2 HE2  sing N N 231 
PHE CZ  HZ   sing N N 232 
PHE OXT HXT  sing N N 233 
PRO N   CA   sing N N 234 
PRO N   CD   sing N N 235 
PRO N   H    sing N N 236 
PRO CA  C    sing N N 237 
PRO CA  CB   sing N N 238 
PRO CA  HA   sing N N 239 
PRO C   O    doub N N 240 
PRO C   OXT  sing N N 241 
PRO CB  CG   sing N N 242 
PRO CB  HB2  sing N N 243 
PRO CB  HB3  sing N N 244 
PRO CG  CD   sing N N 245 
PRO CG  HG2  sing N N 246 
PRO CG  HG3  sing N N 247 
PRO CD  HD2  sing N N 248 
PRO CD  HD3  sing N N 249 
PRO OXT HXT  sing N N 250 
SER N   CA   sing N N 251 
SER N   H    sing N N 252 
SER N   H2   sing N N 253 
SER CA  C    sing N N 254 
SER CA  CB   sing N N 255 
SER CA  HA   sing N N 256 
SER C   O    doub N N 257 
SER C   OXT  sing N N 258 
SER CB  OG   sing N N 259 
SER CB  HB2  sing N N 260 
SER CB  HB3  sing N N 261 
SER OG  HG   sing N N 262 
SER OXT HXT  sing N N 263 
THR N   CA   sing N N 264 
THR N   H    sing N N 265 
THR N   H2   sing N N 266 
THR CA  C    sing N N 267 
THR CA  CB   sing N N 268 
THR CA  HA   sing N N 269 
THR C   O    doub N N 270 
THR C   OXT  sing N N 271 
THR CB  OG1  sing N N 272 
THR CB  CG2  sing N N 273 
THR CB  HB   sing N N 274 
THR OG1 HG1  sing N N 275 
THR CG2 HG21 sing N N 276 
THR CG2 HG22 sing N N 277 
THR CG2 HG23 sing N N 278 
THR OXT HXT  sing N N 279 
TYR N   CA   sing N N 280 
TYR N   H    sing N N 281 
TYR N   H2   sing N N 282 
TYR CA  C    sing N N 283 
TYR CA  CB   sing N N 284 
TYR CA  HA   sing N N 285 
TYR C   O    doub N N 286 
TYR C   OXT  sing N N 287 
TYR CB  CG   sing N N 288 
TYR CB  HB2  sing N N 289 
TYR CB  HB3  sing N N 290 
TYR CG  CD1  doub Y N 291 
TYR CG  CD2  sing Y N 292 
TYR CD1 CE1  sing Y N 293 
TYR CD1 HD1  sing N N 294 
TYR CD2 CE2  doub Y N 295 
TYR CD2 HD2  sing N N 296 
TYR CE1 CZ   doub Y N 297 
TYR CE1 HE1  sing N N 298 
TYR CE2 CZ   sing Y N 299 
TYR CE2 HE2  sing N N 300 
TYR CZ  OH   sing N N 301 
TYR OH  HH   sing N N 302 
TYR OXT HXT  sing N N 303 
VAL N   CA   sing N N 304 
VAL N   H    sing N N 305 
VAL N   H2   sing N N 306 
VAL CA  C    sing N N 307 
VAL CA  CB   sing N N 308 
VAL CA  HA   sing N N 309 
VAL C   O    doub N N 310 
VAL C   OXT  sing N N 311 
VAL CB  CG1  sing N N 312 
VAL CB  CG2  sing N N 313 
VAL CB  HB   sing N N 314 
VAL CG1 HG11 sing N N 315 
VAL CG1 HG12 sing N N 316 
VAL CG1 HG13 sing N N 317 
VAL CG2 HG21 sing N N 318 
VAL CG2 HG22 sing N N 319 
VAL CG2 HG23 sing N N 320 
VAL OXT HXT  sing N N 321 
# 
_pdbx_initial_refinement_model.id               1 
_pdbx_initial_refinement_model.entity_id_list   ? 
_pdbx_initial_refinement_model.type             'experimental model' 
_pdbx_initial_refinement_model.source_name      PDB 
_pdbx_initial_refinement_model.accession_code   1M12 
_pdbx_initial_refinement_model.details          'PDB entry 1M12' 
# 
_atom_sites.entry_id                    2GTG 
_atom_sites.fract_transf_matrix[1][1]   0.01511412 
_atom_sites.fract_transf_matrix[1][2]   -0.01557294 
_atom_sites.fract_transf_matrix[1][3]   -0.00032024 
_atom_sites.fract_transf_matrix[2][1]   0.01503025 
_atom_sites.fract_transf_matrix[2][2]   -0.00021439 
_atom_sites.fract_transf_matrix[2][3]   -0.01565458 
_atom_sites.fract_transf_matrix[3][1]   0.01138867 
_atom_sites.fract_transf_matrix[3][2]   0.01083132 
_atom_sites.fract_transf_matrix[3][3]   0.01078613 
_atom_sites.fract_transf_vector[1]      0.352416 
_atom_sites.fract_transf_vector[2]      0.392955 
_atom_sites.fract_transf_vector[3]      -0.022679 
# 
loop_
_atom_type.symbol 
C 
N 
O 
S 
# 
loop_
_atom_site.group_PDB 
_atom_site.id 
_atom_site.type_symbol 
_atom_site.label_atom_id 
_atom_site.label_alt_id 
_atom_site.label_comp_id 
_atom_site.label_asym_id 
_atom_site.label_entity_id 
_atom_site.label_seq_id 
_atom_site.pdbx_PDB_ins_code 
_atom_site.Cartn_x 
_atom_site.Cartn_y 
_atom_site.Cartn_z 
_atom_site.occupancy 
_atom_site.B_iso_or_equiv 
_atom_site.pdbx_formal_charge 
_atom_site.auth_seq_id 
_atom_site.auth_comp_id 
_atom_site.auth_asym_id 
_atom_site.auth_atom_id 
_atom_site.pdbx_PDB_model_num 
ATOM   1   N N   . ASP A 1 4  ? -9.539  -6.376  -9.208  1.00 80.48 ? 2  ASP A N   1 
ATOM   2   C CA  . ASP A 1 4  ? -10.822 -6.384  -8.442  1.00 80.04 ? 2  ASP A CA  1 
ATOM   3   C C   . ASP A 1 4  ? -10.673 -7.446  -7.313  1.00 79.64 ? 2  ASP A C   1 
ATOM   4   O O   . ASP A 1 4  ? -11.638 -8.150  -6.953  1.00 80.54 ? 2  ASP A O   1 
ATOM   5   C CB  . ASP A 1 4  ? -11.986 -6.647  -9.425  1.00 80.28 ? 2  ASP A CB  1 
ATOM   6   C CG  . ASP A 1 4  ? -13.390 -6.521  -8.776  1.00 81.06 ? 2  ASP A CG  1 
ATOM   7   O OD1 . ASP A 1 4  ? -13.520 -5.902  -7.693  1.00 82.31 ? 2  ASP A OD1 1 
ATOM   8   O OD2 . ASP A 1 4  ? -14.370 -7.051  -9.364  1.00 79.90 ? 2  ASP A OD2 1 
ATOM   9   N N   . VAL A 1 5  ? -9.456  -7.485  -6.736  1.00 78.53 ? 3  VAL A N   1 
ATOM   10  C CA  . VAL A 1 5  ? -8.865  -8.587  -5.934  1.00 77.46 ? 3  VAL A CA  1 
ATOM   11  C C   . VAL A 1 5  ? -7.450  -8.086  -5.485  1.00 76.89 ? 3  VAL A C   1 
ATOM   12  O O   . VAL A 1 5  ? -7.249  -7.699  -4.322  1.00 76.85 ? 3  VAL A O   1 
ATOM   13  C CB  . VAL A 1 5  ? -8.730  -9.919  -6.758  1.00 77.63 ? 3  VAL A CB  1 
ATOM   14  C CG1 . VAL A 1 5  ? -9.969  -10.846 -6.612  1.00 79.57 ? 3  VAL A CG1 1 
ATOM   15  C CG2 . VAL A 1 5  ? -8.429  -9.646  -8.260  1.00 78.92 ? 3  VAL A CG2 1 
ATOM   16  N N   . TYR A 1 6  ? -6.484  -8.036  -6.419  1.00 75.18 ? 4  TYR A N   1 
ATOM   17  C CA  . TYR A 1 6  ? -5.193  -7.372  -6.176  1.00 73.13 ? 4  TYR A CA  1 
ATOM   18  C C   . TYR A 1 6  ? -5.392  -5.881  -6.211  1.00 72.93 ? 4  TYR A C   1 
ATOM   19  O O   . TYR A 1 6  ? -4.625  -5.137  -5.647  1.00 73.06 ? 4  TYR A O   1 
ATOM   20  C CB  . TYR A 1 6  ? -4.139  -7.811  -7.183  1.00 72.50 ? 4  TYR A CB  1 
ATOM   21  C CG  . TYR A 1 6  ? -3.705  -9.231  -6.980  1.00 70.89 ? 4  TYR A CG  1 
ATOM   22  C CD1 . TYR A 1 6  ? -2.731  -9.548  -6.046  1.00 69.53 ? 4  TYR A CD1 1 
ATOM   23  C CD2 . TYR A 1 6  ? -4.292  -10.268 -7.700  1.00 71.42 ? 4  TYR A CD2 1 
ATOM   24  C CE1 . TYR A 1 6  ? -2.346  -10.856 -5.833  1.00 70.26 ? 4  TYR A CE1 1 
ATOM   25  C CE2 . TYR A 1 6  ? -3.918  -11.596 -7.493  1.00 71.81 ? 4  TYR A CE2 1 
ATOM   26  C CZ  . TYR A 1 6  ? -2.942  -11.881 -6.558  1.00 71.48 ? 4  TYR A CZ  1 
ATOM   27  O OH  . TYR A 1 6  ? -2.561  -13.187 -6.342  1.00 71.03 ? 4  TYR A OH  1 
ATOM   28  N N   . CYS A 1 7  ? -6.452  -5.448  -6.869  1.00 73.15 ? 5  CYS A N   1 
ATOM   29  C CA  . CYS A 1 7  ? -6.873  -4.060  -6.816  1.00 73.47 ? 5  CYS A CA  1 
ATOM   30  C C   . CYS A 1 7  ? -7.369  -3.664  -5.411  1.00 73.78 ? 5  CYS A C   1 
ATOM   31  O O   . CYS A 1 7  ? -6.936  -2.660  -4.877  1.00 74.16 ? 5  CYS A O   1 
ATOM   32  C CB  . CYS A 1 7  ? -7.944  -3.806  -7.878  1.00 73.69 ? 5  CYS A CB  1 
ATOM   33  S SG  . CYS A 1 7  ? -8.614  -2.164  -7.879  1.00 72.77 ? 5  CYS A SG  1 
ATOM   34  N N   . GLU A 1 8  ? -8.232  -4.469  -4.802  1.00 73.44 ? 6  GLU A N   1 
ATOM   35  C CA  . GLU A 1 8  ? -8.777  -4.161  -3.464  1.00 74.32 ? 6  GLU A CA  1 
ATOM   36  C C   . GLU A 1 8  ? -7.686  -4.039  -2.364  1.00 74.47 ? 6  GLU A C   1 
ATOM   37  O O   . GLU A 1 8  ? -7.716  -3.149  -1.506  1.00 74.01 ? 6  GLU A O   1 
ATOM   38  C CB  . GLU A 1 8  ? -9.868  -5.192  -3.079  1.00 72.97 ? 6  GLU A CB  1 
ATOM   39  C CG  . GLU A 1 8  ? -10.131 -5.288  -1.590  1.00 74.14 ? 6  GLU A CG  1 
ATOM   40  C CD  . GLU A 1 8  ? -11.142 -6.381  -1.212  1.00 75.33 ? 6  GLU A CD  1 
ATOM   41  O OE1 . GLU A 1 8  ? -10.813 -7.574  -1.402  1.00 76.75 ? 6  GLU A OE1 1 
ATOM   42  O OE2 . GLU A 1 8  ? -12.249 -6.053  -0.710  1.00 73.40 ? 6  GLU A OE2 1 
ATOM   43  N N   . VAL A 1 9  ? -6.739  -4.963  -2.393  1.00 75.19 ? 7  VAL A N   1 
ATOM   44  C CA  . VAL A 1 9  ? -5.614  -4.944  -1.467  1.00 75.56 ? 7  VAL A CA  1 
ATOM   45  C C   . VAL A 1 9  ? -4.720  -3.768  -1.759  1.00 76.08 ? 7  VAL A C   1 
ATOM   46  O O   . VAL A 1 9  ? -4.166  -3.176  -0.831  1.00 76.01 ? 7  VAL A O   1 
ATOM   47  C CB  . VAL A 1 9  ? -4.791  -6.235  -1.574  1.00 75.79 ? 7  VAL A CB  1 
ATOM   48  C CG1 . VAL A 1 9  ? -3.382  -6.006  -1.129  1.00 75.54 ? 7  VAL A CG1 1 
ATOM   49  C CG2 . VAL A 1 9  ? -5.484  -7.406  -0.768  1.00 75.71 ? 7  VAL A CG2 1 
ATOM   50  N N   . CYS A 1 10 ? -4.586  -3.425  -3.045  1.00 76.40 ? 8  CYS A N   1 
ATOM   51  C CA  . CYS A 1 10 ? -3.783  -2.263  -3.450  1.00 76.30 ? 8  CYS A CA  1 
ATOM   52  C C   . CYS A 1 10 ? -4.396  -0.939  -2.977  1.00 76.42 ? 8  CYS A C   1 
ATOM   53  O O   . CYS A 1 10 ? -3.684  -0.090  -2.462  1.00 77.07 ? 8  CYS A O   1 
ATOM   54  C CB  . CYS A 1 10 ? -3.508  -2.224  -4.954  1.00 75.64 ? 8  CYS A CB  1 
ATOM   55  S SG  . CYS A 1 10 ? -2.363  -0.809  -5.403  1.00 77.35 ? 8  CYS A SG  1 
ATOM   56  N N   . GLU A 1 11 ? -5.710  -0.770  -3.136  1.00 77.34 ? 9  GLU A N   1 
ATOM   57  C CA  . GLU A 1 11 ? -6.430  0.402   -2.612  1.00 77.03 ? 9  GLU A CA  1 
ATOM   58  C C   . GLU A 1 11 ? -6.303  0.456   -1.093  1.00 75.54 ? 9  GLU A C   1 
ATOM   59  O O   . GLU A 1 11 ? -6.084  1.509   -0.537  1.00 76.65 ? 9  GLU A O   1 
ATOM   60  C CB  . GLU A 1 11 ? -7.930  0.381   -2.974  1.00 77.89 ? 9  GLU A CB  1 
ATOM   61  C CG  . GLU A 1 11 ? -8.271  0.072   -4.429  1.00 80.23 ? 9  GLU A CG  1 
ATOM   62  C CD  . GLU A 1 11 ? -8.329  1.307   -5.313  1.00 85.04 ? 9  GLU A CD  1 
ATOM   63  O OE1 . GLU A 1 11 ? -7.281  2.001   -5.463  1.00 85.46 ? 9  GLU A OE1 1 
ATOM   64  O OE2 . GLU A 1 11 ? -9.431  1.556   -5.880  1.00 85.97 ? 9  GLU A OE2 1 
ATOM   65  N N   . PHE A 1 12 ? -6.479  -0.676  -0.426  1.00 74.28 ? 10 PHE A N   1 
ATOM   66  C CA  . PHE A 1 12 ? -6.255  -0.794  1.021   1.00 71.55 ? 10 PHE A CA  1 
ATOM   67  C C   . PHE A 1 12 ? -4.901  -0.229  1.426   1.00 71.00 ? 10 PHE A C   1 
ATOM   68  O O   . PHE A 1 12 ? -4.852  0.670   2.237   1.00 70.31 ? 10 PHE A O   1 
ATOM   69  C CB  . PHE A 1 12 ? -6.276  -2.246  1.447   1.00 70.92 ? 10 PHE A CB  1 
ATOM   70  C CG  . PHE A 1 12 ? -5.976  -2.429  2.905   1.00 72.19 ? 10 PHE A CG  1 
ATOM   71  C CD1 . PHE A 1 12 ? -6.967  -2.159  3.879   1.00 68.01 ? 10 PHE A CD1 1 
ATOM   72  C CD2 . PHE A 1 12 ? -4.715  -2.827  3.320   1.00 70.60 ? 10 PHE A CD2 1 
ATOM   73  C CE1 . PHE A 1 12 ? -6.689  -2.282  5.196   1.00 68.71 ? 10 PHE A CE1 1 
ATOM   74  C CE2 . PHE A 1 12 ? -4.440  -2.950  4.664   1.00 71.02 ? 10 PHE A CE2 1 
ATOM   75  C CZ  . PHE A 1 12 ? -5.443  -2.695  5.603   1.00 70.03 ? 10 PHE A CZ  1 
ATOM   76  N N   . LEU A 1 13 ? -3.804  -0.742  0.837   1.00 69.75 ? 11 LEU A N   1 
ATOM   77  C CA  . LEU A 1 13 ? -2.454  -0.303  1.204   1.00 69.32 ? 11 LEU A CA  1 
ATOM   78  C C   . LEU A 1 13 ? -2.219  1.187   0.934   1.00 69.60 ? 11 LEU A C   1 
ATOM   79  O O   . LEU A 1 13 ? -1.570  1.874   1.739   1.00 69.25 ? 11 LEU A O   1 
ATOM   80  C CB  . LEU A 1 13 ? -1.376  -1.126  0.488   1.00 68.44 ? 11 LEU A CB  1 
ATOM   81  C CG  . LEU A 1 13 ? -1.325  -2.614  0.806   1.00 67.94 ? 11 LEU A CG  1 
ATOM   82  C CD1 . LEU A 1 13 ? -0.537  -3.275  -0.292  1.00 62.40 ? 11 LEU A CD1 1 
ATOM   83  C CD2 . LEU A 1 13 ? -0.777  -2.966  2.259   1.00 66.02 ? 11 LEU A CD2 1 
ATOM   84  N N   . VAL A 1 14 ? -2.728  1.679   -0.192  1.00 69.89 ? 12 VAL A N   1 
ATOM   85  C CA  . VAL A 1 14 ? -2.481  3.072   -0.581  1.00 70.67 ? 12 VAL A CA  1 
ATOM   86  C C   . VAL A 1 14 ? -3.028  3.942   0.538   1.00 72.16 ? 12 VAL A C   1 
ATOM   87  O O   . VAL A 1 14 ? -2.318  4.813   1.021   1.00 72.77 ? 12 VAL A O   1 
ATOM   88  C CB  . VAL A 1 14 ? -3.175  3.476   -1.929  1.00 70.52 ? 12 VAL A CB  1 
ATOM   89  C CG1 . VAL A 1 14 ? -3.485  4.992   -1.975  1.00 67.91 ? 12 VAL A CG1 1 
ATOM   90  C CG2 . VAL A 1 14 ? -2.410  2.994   -3.081  1.00 65.70 ? 12 VAL A CG2 1 
ATOM   91  N N   . LYS A 1 15 ? -4.273  3.691   0.953   1.00 73.14 ? 13 LYS A N   1 
ATOM   92  C CA  . LYS A 1 15 ? -4.925  4.527   1.951   1.00 74.77 ? 13 LYS A CA  1 
ATOM   93  C C   . LYS A 1 15 ? -4.114  4.491   3.225   1.00 75.75 ? 13 LYS A C   1 
ATOM   94  O O   . LYS A 1 15 ? -3.899  5.513   3.860   1.00 77.10 ? 13 LYS A O   1 
ATOM   95  C CB  . LYS A 1 15 ? -6.363  4.047   2.252   1.00 74.84 ? 13 LYS A CB  1 
ATOM   96  C CG  . LYS A 1 15 ? -7.445  4.505   1.254   1.00 75.56 ? 13 LYS A CG  1 
ATOM   97  C CD  . LYS A 1 15 ? -8.761  3.716   1.433   1.00 75.75 ? 13 LYS A CD  1 
ATOM   98  C CE  . LYS A 1 15 ? -9.734  3.918   0.256   1.00 74.68 ? 13 LYS A CE  1 
ATOM   99  N NZ  . LYS A 1 15 ? -10.651 2.752   0.044   1.00 73.22 ? 13 LYS A NZ  1 
ATOM   100 N N   . GLU A 1 16 ? -3.677  3.299   3.613   1.00 76.62 ? 14 GLU A N   1 
ATOM   101 C CA  . GLU A 1 16 ? -3.077  3.099   4.922   1.00 77.07 ? 14 GLU A CA  1 
ATOM   102 C C   . GLU A 1 16 ? -1.734  3.786   4.990   1.00 76.94 ? 14 GLU A C   1 
ATOM   103 O O   . GLU A 1 16 ? -1.348  4.318   6.018   1.00 77.44 ? 14 GLU A O   1 
ATOM   104 C CB  . GLU A 1 16 ? -2.963  1.614   5.236   1.00 77.14 ? 14 GLU A CB  1 
ATOM   105 C CG  . GLU A 1 16 ? -4.313  0.950   5.492   1.00 77.93 ? 14 GLU A CG  1 
ATOM   106 C CD  . GLU A 1 16 ? -4.860  1.258   6.870   1.00 80.97 ? 14 GLU A CD  1 
ATOM   107 O OE1 . GLU A 1 16 ? -4.180  0.876   7.851   1.00 82.78 ? 14 GLU A OE1 1 
ATOM   108 O OE2 . GLU A 1 16 ? -5.963  1.865   6.986   1.00 79.60 ? 14 GLU A OE2 1 
ATOM   109 N N   . VAL A 1 17 ? -1.035  3.790   3.872   1.00 77.53 ? 15 VAL A N   1 
ATOM   110 C CA  . VAL A 1 17 ? 0.259   4.443   3.772   1.00 77.59 ? 15 VAL A CA  1 
ATOM   111 C C   . VAL A 1 17 ? 0.104   5.960   3.736   1.00 78.00 ? 15 VAL A C   1 
ATOM   112 O O   . VAL A 1 17 ? 0.878   6.670   4.364   1.00 77.89 ? 15 VAL A O   1 
ATOM   113 C CB  . VAL A 1 17 ? 0.998   3.904   2.584   1.00 77.61 ? 15 VAL A CB  1 
ATOM   114 C CG1 . VAL A 1 17 ? 2.187   4.776   2.217   1.00 77.67 ? 15 VAL A CG1 1 
ATOM   115 C CG2 . VAL A 1 17 ? 1.433   2.482   2.889   1.00 77.67 ? 15 VAL A CG2 1 
ATOM   116 N N   . THR A 1 18 ? -0.915  6.460   3.039   1.00 78.61 ? 16 THR A N   1 
ATOM   117 C CA  . THR A 1 18 ? -1.205  7.894   3.083   1.00 79.61 ? 16 THR A CA  1 
ATOM   118 C C   . THR A 1 18 ? -1.705  8.403   4.455   1.00 79.83 ? 16 THR A C   1 
ATOM   119 O O   . THR A 1 18 ? -1.527  9.583   4.789   1.00 80.43 ? 16 THR A O   1 
ATOM   120 C CB  . THR A 1 18 ? -2.066  8.436   1.870   1.00 79.80 ? 16 THR A CB  1 
ATOM   121 O OG1 . THR A 1 18 ? -2.661  9.678   2.263   1.00 81.54 ? 16 THR A OG1 1 
ATOM   122 C CG2 . THR A 1 18 ? -3.167  7.526   1.479   1.00 79.38 ? 16 THR A CG2 1 
ATOM   123 N N   . LYS A 1 19 ? -2.319  7.517   5.247   1.00 79.53 ? 17 LYS A N   1 
ATOM   124 C CA  . LYS A 1 19 ? -2.614  7.798   6.648   1.00 78.53 ? 17 LYS A CA  1 
ATOM   125 C C   . LYS A 1 19 ? -1.288  7.970   7.398   1.00 78.36 ? 17 LYS A C   1 
ATOM   126 O O   . LYS A 1 19 ? -1.117  8.911   8.176   1.00 78.97 ? 17 LYS A O   1 
ATOM   127 C CB  . LYS A 1 19 ? -3.404  6.647   7.273   1.00 78.13 ? 17 LYS A CB  1 
ATOM   128 C CG  . LYS A 1 19 ? -4.654  7.041   8.076   1.00 78.23 ? 17 LYS A CG  1 
ATOM   129 C CD  . LYS A 1 19 ? -4.404  8.009   9.264   1.00 78.16 ? 17 LYS A CD  1 
ATOM   130 C CE  . LYS A 1 19 ? -5.558  7.924   10.293  1.00 77.28 ? 17 LYS A CE  1 
ATOM   131 N NZ  . LYS A 1 19 ? -5.541  9.025   11.302  1.00 77.40 ? 17 LYS A NZ  1 
ATOM   132 N N   . LEU A 1 20 ? -0.343  7.065   7.170   1.00 77.82 ? 18 LEU A N   1 
ATOM   133 C CA  . LEU A 1 20 ? 0.934   7.133   7.885   1.00 77.21 ? 18 LEU A CA  1 
ATOM   134 C C   . LEU A 1 20 ? 1.730   8.361   7.441   1.00 76.73 ? 18 LEU A C   1 
ATOM   135 O O   . LEU A 1 20 ? 2.499   8.942   8.203   1.00 76.23 ? 18 LEU A O   1 
ATOM   136 C CB  . LEU A 1 20 ? 1.747   5.841   7.702   1.00 77.24 ? 18 LEU A CB  1 
ATOM   137 C CG  . LEU A 1 20 ? 1.208   4.512   8.263   1.00 75.35 ? 18 LEU A CG  1 
ATOM   138 C CD1 . LEU A 1 20 ? 1.903   3.296   7.664   1.00 71.37 ? 18 LEU A CD1 1 
ATOM   139 C CD2 . LEU A 1 20 ? 1.309   4.483   9.754   1.00 75.50 ? 18 LEU A CD2 1 
ATOM   140 N N   . ILE A 1 21 ? 1.517   8.765   6.198   1.00 77.15 ? 19 ILE A N   1 
ATOM   141 C CA  . ILE A 1 21 ? 2.142   9.971   5.679   1.00 76.60 ? 19 ILE A CA  1 
ATOM   142 C C   . ILE A 1 21 ? 1.523   11.174  6.388   1.00 76.56 ? 19 ILE A C   1 
ATOM   143 O O   . ILE A 1 21 ? 2.239   12.025  6.888   1.00 76.51 ? 19 ILE A O   1 
ATOM   144 C CB  . ILE A 1 21 ? 2.022   10.047  4.155   1.00 76.69 ? 19 ILE A CB  1 
ATOM   145 C CG1 . ILE A 1 21 ? 2.939   9.011   3.497   1.00 76.36 ? 19 ILE A CG1 1 
ATOM   146 C CG2 . ILE A 1 21 ? 2.385   11.434  3.647   1.00 77.10 ? 19 ILE A CG2 1 
ATOM   147 C CD1 . ILE A 1 21 ? 2.781   8.900   1.967   1.00 75.58 ? 19 ILE A CD1 1 
ATOM   148 N N   . ASP A 1 22 ? 0.197   11.200  6.489   1.00 76.83 ? 20 ASP A N   1 
ATOM   149 C CA  . ASP A 1 22 ? -0.515  12.293  7.184   1.00 77.12 ? 20 ASP A CA  1 
ATOM   150 C C   . ASP A 1 22 ? -0.303  12.336  8.699   1.00 76.81 ? 20 ASP A C   1 
ATOM   151 O O   . ASP A 1 22 ? -0.619  13.332  9.347   1.00 77.30 ? 20 ASP A O   1 
ATOM   152 C CB  . ASP A 1 22 ? -2.007  12.286  6.833   1.00 77.00 ? 20 ASP A CB  1 
ATOM   153 C CG  . ASP A 1 22 ? -2.251  12.401  5.340   1.00 78.03 ? 20 ASP A CG  1 
ATOM   154 O OD1 . ASP A 1 22 ? -1.274  12.569  4.574   1.00 81.58 ? 20 ASP A OD1 1 
ATOM   155 O OD2 . ASP A 1 22 ? -3.415  12.319  4.912   1.00 78.53 ? 20 ASP A OD2 1 
ATOM   156 N N   . ASN A 1 23 ? 0.244   11.264  9.258   1.00 76.95 ? 21 ASN A N   1 
ATOM   157 C CA  . ASN A 1 23 ? 0.603   11.234  10.680  1.00 76.70 ? 21 ASN A CA  1 
ATOM   158 C C   . ASN A 1 23 ? 2.105   11.350  10.943  1.00 76.59 ? 21 ASN A C   1 
ATOM   159 O O   . ASN A 1 23 ? 2.573   10.973  12.018  1.00 76.48 ? 21 ASN A O   1 
ATOM   160 C CB  . ASN A 1 23 ? 0.049   9.976   11.327  1.00 76.79 ? 21 ASN A CB  1 
ATOM   161 C CG  . ASN A 1 23 ? -1.460  10.010  11.445  1.00 77.61 ? 21 ASN A CG  1 
ATOM   162 O OD1 . ASN A 1 23 ? -2.172  10.154  10.444  1.00 79.09 ? 21 ASN A OD1 1 
ATOM   163 N ND2 . ASN A 1 23 ? -1.959  9.877   12.669  1.00 76.76 ? 21 ASN A ND2 1 
ATOM   164 N N   . ASN A 1 24 ? 2.852   11.840  9.939   1.00 76.29 ? 22 ASN A N   1 
ATOM   165 C CA  . ASN A 1 24 ? 4.280   12.213  10.067  1.00 75.69 ? 22 ASN A CA  1 
ATOM   166 C C   . ASN A 1 24 ? 5.283   11.072  10.263  1.00 75.09 ? 22 ASN A C   1 
ATOM   167 O O   . ASN A 1 24 ? 6.366   11.279  10.818  1.00 74.84 ? 22 ASN A O   1 
ATOM   168 C CB  . ASN A 1 24 ? 4.460   13.258  11.176  1.00 75.88 ? 22 ASN A CB  1 
ATOM   169 C CG  . ASN A 1 24 ? 3.495   14.412  11.041  1.00 76.34 ? 22 ASN A CG  1 
ATOM   170 O OD1 . ASN A 1 24 ? 3.461   15.096  10.013  1.00 78.04 ? 22 ASN A OD1 1 
ATOM   171 N ND2 . ASN A 1 24 ? 2.689   14.625  12.069  1.00 77.50 ? 22 ASN A ND2 1 
ATOM   172 N N   . LYS A 1 25 ? 4.921   9.876   9.809   1.00 74.43 ? 23 LYS A N   1 
ATOM   173 C CA  . LYS A 1 25 ? 5.832   8.741   9.845   1.00 73.88 ? 23 LYS A CA  1 
ATOM   174 C C   . LYS A 1 25 ? 6.949   8.972   8.816   1.00 73.75 ? 23 LYS A C   1 
ATOM   175 O O   . LYS A 1 25 ? 6.687   9.440   7.708   1.00 73.38 ? 23 LYS A O   1 
ATOM   176 C CB  . LYS A 1 25 ? 5.087   7.428   9.563   1.00 73.59 ? 23 LYS A CB  1 
ATOM   177 C CG  . LYS A 1 25 ? 3.912   7.102   10.527  1.00 73.87 ? 23 LYS A CG  1 
ATOM   178 C CD  . LYS A 1 25 ? 4.363   6.466   11.852  1.00 73.03 ? 23 LYS A CD  1 
ATOM   179 C CE  . LYS A 1 25 ? 3.236   6.431   12.905  1.00 74.81 ? 23 LYS A CE  1 
ATOM   180 N NZ  . LYS A 1 25 ? 3.263   7.566   13.898  1.00 73.77 ? 23 LYS A NZ  1 
ATOM   181 N N   . THR A 1 26 ? 8.193   8.703   9.219   1.00 73.53 ? 24 THR A N   1 
ATOM   182 C CA  . THR A 1 26 ? 9.338   8.711   8.321   1.00 72.63 ? 24 THR A CA  1 
ATOM   183 C C   . THR A 1 26 ? 9.095   7.591   7.326   1.00 73.03 ? 24 THR A C   1 
ATOM   184 O O   . THR A 1 26 ? 8.198   6.781   7.516   1.00 73.50 ? 24 THR A O   1 
ATOM   185 C CB  . THR A 1 26 ? 10.677  8.463   9.086   1.00 73.05 ? 24 THR A CB  1 
ATOM   186 O OG1 . THR A 1 26 ? 10.663  7.182   9.750   1.00 71.68 ? 24 THR A OG1 1 
ATOM   187 C CG2 . THR A 1 26 ? 10.928  9.556   10.113  1.00 71.94 ? 24 THR A CG2 1 
ATOM   188 N N   . GLU A 1 27 ? 9.867   7.555   6.253   1.00 73.08 ? 25 GLU A N   1 
ATOM   189 C CA  . GLU A 1 27 ? 9.797   6.489   5.263   1.00 72.84 ? 25 GLU A CA  1 
ATOM   190 C C   . GLU A 1 27 ? 10.239  5.127   5.825   1.00 73.07 ? 25 GLU A C   1 
ATOM   191 O O   . GLU A 1 27 ? 9.624   4.100   5.537   1.00 72.68 ? 25 GLU A O   1 
ATOM   192 C CB  . GLU A 1 27 ? 10.682  6.890   4.117   1.00 72.20 ? 25 GLU A CB  1 
ATOM   193 C CG  . GLU A 1 27 ? 10.534  6.085   2.876   1.00 73.97 ? 25 GLU A CG  1 
ATOM   194 C CD  . GLU A 1 27 ? 11.499  6.571   1.783   1.00 77.32 ? 25 GLU A CD  1 
ATOM   195 O OE1 . GLU A 1 27 ? 11.875  7.786   1.748   1.00 74.98 ? 25 GLU A OE1 1 
ATOM   196 O OE2 . GLU A 1 27 ? 11.912  5.710   0.981   1.00 79.78 ? 25 GLU A OE2 1 
ATOM   197 N N   . LYS A 1 28 ? 11.322  5.132   6.611   1.00 73.21 ? 26 LYS A N   1 
ATOM   198 C CA  . LYS A 1 28 ? 11.763  3.966   7.358   1.00 73.29 ? 26 LYS A CA  1 
ATOM   199 C C   . LYS A 1 28 ? 10.610  3.370   8.163   1.00 73.04 ? 26 LYS A C   1 
ATOM   200 O O   . LYS A 1 28 ? 10.341  2.179   8.040   1.00 72.91 ? 26 LYS A O   1 
ATOM   201 C CB  . LYS A 1 28 ? 12.952  4.324   8.260   1.00 73.56 ? 26 LYS A CB  1 
ATOM   202 C CG  . LYS A 1 28 ? 13.521  3.186   9.105   1.00 73.77 ? 26 LYS A CG  1 
ATOM   203 C CD  . LYS A 1 28 ? 13.844  1.927   8.293   1.00 74.63 ? 26 LYS A CD  1 
ATOM   204 C CE  . LYS A 1 28 ? 14.545  0.874   9.190   1.00 75.42 ? 26 LYS A CE  1 
ATOM   205 N NZ  . LYS A 1 28 ? 14.439  -0.542  8.662   1.00 76.14 ? 26 LYS A NZ  1 
ATOM   206 N N   . GLU A 1 29 ? 9.920   4.202   8.950   1.00 72.95 ? 27 GLU A N   1 
ATOM   207 C CA  . GLU A 1 29 ? 8.777   3.764   9.770   1.00 72.55 ? 27 GLU A CA  1 
ATOM   208 C C   . GLU A 1 29 ? 7.626   3.138   8.957   1.00 72.67 ? 27 GLU A C   1 
ATOM   209 O O   . GLU A 1 29 ? 6.888   2.326   9.486   1.00 72.78 ? 27 GLU A O   1 
ATOM   210 C CB  . GLU A 1 29 ? 8.222   4.942   10.565  1.00 72.53 ? 27 GLU A CB  1 
ATOM   211 C CG  . GLU A 1 29 ? 8.963   5.298   11.873  1.00 72.66 ? 27 GLU A CG  1 
ATOM   212 C CD  . GLU A 1 29 ? 8.835   6.785   12.240  1.00 73.24 ? 27 GLU A CD  1 
ATOM   213 O OE1 . GLU A 1 29 ? 8.026   7.497   11.615  1.00 75.67 ? 27 GLU A OE1 1 
ATOM   214 O OE2 . GLU A 1 29 ? 9.557   7.266   13.134  1.00 74.13 ? 27 GLU A OE2 1 
ATOM   215 N N   . ILE A 1 30 ? 7.467   3.523   7.687   1.00 72.06 ? 28 ILE A N   1 
ATOM   216 C CA  . ILE A 1 30 ? 6.349   3.036   6.853   1.00 72.41 ? 28 ILE A CA  1 
ATOM   217 C C   . ILE A 1 30 ? 6.736   1.716   6.189   1.00 73.93 ? 28 ILE A C   1 
ATOM   218 O O   . ILE A 1 30 ? 5.943   0.765   6.144   1.00 74.16 ? 28 ILE A O   1 
ATOM   219 C CB  . ILE A 1 30 ? 5.827   4.082   5.754   1.00 71.78 ? 28 ILE A CB  1 
ATOM   220 C CG1 . ILE A 1 30 ? 5.496   5.436   6.402   1.00 70.04 ? 28 ILE A CG1 1 
ATOM   221 C CG2 . ILE A 1 30 ? 4.605   3.524   5.012   1.00 70.26 ? 28 ILE A CG2 1 
ATOM   222 C CD1 . ILE A 1 30 ? 4.709   6.421   5.568   1.00 69.84 ? 28 ILE A CD1 1 
ATOM   223 N N   . LEU A 1 31 ? 7.949   1.654   5.657   1.00 75.49 ? 29 LEU A N   1 
ATOM   224 C CA  . LEU A 1 31 ? 8.488   0.360   5.236   1.00 76.93 ? 29 LEU A CA  1 
ATOM   225 C C   . LEU A 1 31 ? 8.283   -0.710  6.347   1.00 76.62 ? 29 LEU A C   1 
ATOM   226 O O   . LEU A 1 31 ? 7.799   -1.804  6.069   1.00 76.69 ? 29 LEU A O   1 
ATOM   227 C CB  . LEU A 1 31 ? 9.956   0.473   4.778   1.00 76.22 ? 29 LEU A CB  1 
ATOM   228 C CG  . LEU A 1 31 ? 10.099  1.369   3.552   1.00 78.54 ? 29 LEU A CG  1 
ATOM   229 C CD1 . LEU A 1 31 ? 11.574  1.713   3.309   1.00 79.22 ? 29 LEU A CD1 1 
ATOM   230 C CD2 . LEU A 1 31 ? 9.449   0.771   2.291   1.00 76.75 ? 29 LEU A CD2 1 
ATOM   231 N N   . ASP A 1 32 ? 8.618   -0.372  7.591   1.00 77.05 ? 30 ASP A N   1 
ATOM   232 C CA  . ASP A 1 32 ? 8.437   -1.299  8.712   1.00 77.69 ? 30 ASP A CA  1 
ATOM   233 C C   . ASP A 1 32 ? 6.960   -1.532  9.056   1.00 78.12 ? 30 ASP A C   1 
ATOM   234 O O   . ASP A 1 32 ? 6.589   -2.604  9.533   1.00 77.92 ? 30 ASP A O   1 
ATOM   235 C CB  . ASP A 1 32 ? 9.204   -0.835  9.966   1.00 77.87 ? 30 ASP A CB  1 
ATOM   236 C CG  . ASP A 1 32 ? 10.725  -1.016  9.848   1.00 78.83 ? 30 ASP A CG  1 
ATOM   237 O OD1 . ASP A 1 32 ? 11.189  -1.934  9.133   1.00 80.06 ? 30 ASP A OD1 1 
ATOM   238 O OD2 . ASP A 1 32 ? 11.472  -0.240  10.494  1.00 79.46 ? 30 ASP A OD2 1 
ATOM   239 N N   . ALA A 1 33 ? 6.111   -0.536  8.822   1.00 78.60 ? 31 ALA A N   1 
ATOM   240 C CA  . ALA A 1 33 ? 4.689   -0.702  9.107   1.00 79.38 ? 31 ALA A CA  1 
ATOM   241 C C   . ALA A 1 33 ? 3.945   -1.580  8.083   1.00 80.38 ? 31 ALA A C   1 
ATOM   242 O O   . ALA A 1 33 ? 2.780   -1.914  8.306   1.00 80.19 ? 31 ALA A O   1 
ATOM   243 C CB  . ALA A 1 33 ? 4.012   0.638   9.268   1.00 78.76 ? 31 ALA A CB  1 
ATOM   244 N N   . PHE A 1 34 ? 4.608   -1.927  6.966   1.00 81.98 ? 32 PHE A N   1 
ATOM   245 C CA  . PHE A 1 34 ? 4.095   -2.902  5.980   1.00 82.66 ? 32 PHE A CA  1 
ATOM   246 C C   . PHE A 1 34 ? 3.756   -4.288  6.593   1.00 83.67 ? 32 PHE A C   1 
ATOM   247 O O   . PHE A 1 34 ? 2.691   -4.845  6.277   1.00 84.54 ? 32 PHE A O   1 
ATOM   248 C CB  . PHE A 1 34 ? 5.016   -3.024  4.745   1.00 82.82 ? 32 PHE A CB  1 
ATOM   249 C CG  . PHE A 1 34 ? 4.816   -1.926  3.700   1.00 82.50 ? 32 PHE A CG  1 
ATOM   250 C CD1 . PHE A 1 34 ? 3.535   -1.502  3.321   1.00 82.77 ? 32 PHE A CD1 1 
ATOM   251 C CD2 . PHE A 1 34 ? 5.918   -1.320  3.086   1.00 83.50 ? 32 PHE A CD2 1 
ATOM   252 C CE1 . PHE A 1 34 ? 3.361   -0.447  2.355   1.00 82.29 ? 32 PHE A CE1 1 
ATOM   253 C CE2 . PHE A 1 34 ? 5.761   -0.280  2.155   1.00 81.78 ? 32 PHE A CE2 1 
ATOM   254 C CZ  . PHE A 1 34 ? 4.475   0.151   1.788   1.00 82.90 ? 32 PHE A CZ  1 
ATOM   255 N N   . ASP A 1 35 ? 4.606   -4.833  7.481   1.00 83.99 ? 33 ASP A N   1 
ATOM   256 C CA  . ASP A 1 35 ? 4.311   -6.157  8.109   1.00 84.34 ? 33 ASP A CA  1 
ATOM   257 C C   . ASP A 1 35 ? 2.990   -6.232  8.879   1.00 83.97 ? 33 ASP A C   1 
ATOM   258 O O   . ASP A 1 35 ? 2.302   -7.248  8.830   1.00 84.47 ? 33 ASP A O   1 
ATOM   259 C CB  . ASP A 1 35 ? 5.458   -6.693  9.004   1.00 84.74 ? 33 ASP A CB  1 
ATOM   260 C CG  . ASP A 1 35 ? 6.358   -5.581  9.576   1.00 85.41 ? 33 ASP A CG  1 
ATOM   261 O OD1 . ASP A 1 35 ? 7.128   -4.985  8.785   1.00 83.30 ? 33 ASP A OD1 1 
ATOM   262 O OD2 . ASP A 1 35 ? 6.327   -5.342  10.814  1.00 84.15 ? 33 ASP A OD2 1 
ATOM   263 N N   . LYS A 1 36 ? 2.656   -5.159  9.590   1.00 83.53 ? 34 LYS A N   1 
ATOM   264 C CA  . LYS A 1 36 ? 1.447   -5.072  10.413  1.00 82.88 ? 34 LYS A CA  1 
ATOM   265 C C   . LYS A 1 36 ? 0.216   -4.647  9.593   1.00 82.21 ? 34 LYS A C   1 
ATOM   266 O O   . LYS A 1 36 ? -0.915  -4.705  10.069  1.00 82.76 ? 34 LYS A O   1 
ATOM   267 C CB  . LYS A 1 36 ? 1.695   -4.105  11.593  1.00 82.95 ? 34 LYS A CB  1 
ATOM   268 C CG  . LYS A 1 36 ? 0.473   -3.299  12.073  1.00 82.78 ? 34 LYS A CG  1 
ATOM   269 C CD  . LYS A 1 36 ? 0.823   -1.869  12.523  1.00 83.03 ? 34 LYS A CD  1 
ATOM   270 C CE  . LYS A 1 36 ? 1.320   -0.960  11.377  1.00 84.07 ? 34 LYS A CE  1 
ATOM   271 N NZ  . LYS A 1 36 ? 0.503   -0.992  10.105  1.00 82.49 ? 34 LYS A NZ  1 
ATOM   272 N N   . MET A 1 37 ? 0.433   -4.229  8.359   1.00 81.29 ? 35 MET A N   1 
ATOM   273 C CA  . MET A 1 37 ? -0.654  -3.666  7.570   1.00 80.37 ? 35 MET A CA  1 
ATOM   274 C C   . MET A 1 37 ? -1.597  -4.749  7.148   1.00 79.34 ? 35 MET A C   1 
ATOM   275 O O   . MET A 1 37 ? -2.803  -4.581  7.266   1.00 79.71 ? 35 MET A O   1 
ATOM   276 C CB  . MET A 1 37 ? -0.115  -2.915  6.357   1.00 80.31 ? 35 MET A CB  1 
ATOM   277 C CG  . MET A 1 37 ? 0.532   -1.607  6.734   1.00 80.35 ? 35 MET A CG  1 
ATOM   278 S SD  . MET A 1 37 ? 0.772   -0.484  5.350   1.00 82.39 ? 35 MET A SD  1 
ATOM   279 C CE  . MET A 1 37 ? -0.956  -0.302  4.924   1.00 81.09 ? 35 MET A CE  1 
ATOM   280 N N   . CYS A 1 38 ? -1.038  -5.873  6.695   1.00 78.32 ? 36 CYS A N   1 
ATOM   281 C CA  . CYS A 1 38 ? -1.818  -7.006  6.204   1.00 77.73 ? 36 CYS A CA  1 
ATOM   282 C C   . CYS A 1 38 ? -2.516  -7.786  7.342   1.00 78.54 ? 36 CYS A C   1 
ATOM   283 O O   . CYS A 1 38 ? -3.290  -8.718  7.077   1.00 78.21 ? 36 CYS A O   1 
ATOM   284 C CB  . CYS A 1 38 ? -0.931  -7.904  5.341   1.00 76.82 ? 36 CYS A CB  1 
ATOM   285 S SG  . CYS A 1 38 ? -0.310  -7.081  3.791   1.00 78.11 ? 36 CYS A SG  1 
ATOM   286 N N   . SER A 1 39 ? -2.216  -7.401  8.594   1.00 78.56 ? 37 SER A N   1 
ATOM   287 C CA  . SER A 1 39 ? -2.893  -7.909  9.774   1.00 79.78 ? 37 SER A CA  1 
ATOM   288 C C   . SER A 1 39 ? -4.280  -7.303  9.853   1.00 80.05 ? 37 SER A C   1 
ATOM   289 O O   . SER A 1 39 ? -5.219  -7.956  10.311  1.00 79.23 ? 37 SER A O   1 
ATOM   290 C CB  . SER A 1 39 ? -2.122  -7.557  11.052  1.00 79.77 ? 37 SER A CB  1 
ATOM   291 O OG  . SER A 1 39 ? -1.480  -8.786  11.623  1.00 79.87 ? 37 SER A OG  1 
ATOM   292 N N   . LYS A 1 40 ? -4.397  -6.050  9.408   1.00 80.81 ? 38 LYS A N   1 
ATOM   293 C CA  . LYS A 1 40 ? -5.693  -5.385  9.360   1.00 81.35 ? 38 LYS A CA  1 
ATOM   294 C C   . LYS A 1 40 ? -6.770  -6.286  8.702   1.00 81.00 ? 38 LYS A C   1 
ATOM   295 O O   . LYS A 1 40 ? -7.958  -6.207  9.084   1.00 81.33 ? 38 LYS A O   1 
ATOM   296 C CB  . LYS A 1 40 ? -5.569  -4.041  8.611   1.00 81.96 ? 38 LYS A CB  1 
ATOM   297 C CG  . LYS A 1 40 ? -5.246  -2.779  9.466   1.00 83.27 ? 38 LYS A CG  1 
ATOM   298 C CD  . LYS A 1 40 ? -6.554  -2.016  9.846   1.00 86.22 ? 38 LYS A CD  1 
ATOM   299 C CE  . LYS A 1 40 ? -7.332  -1.479  8.597   1.00 87.16 ? 38 LYS A CE  1 
ATOM   300 N NZ  . LYS A 1 40 ? -8.851  -1.578  8.742   1.00 85.14 ? 38 LYS A NZ  1 
ATOM   301 N N   . LEU A 1 41 ? -6.350  -7.160  7.757   1.00 79.73 ? 39 LEU A N   1 
ATOM   302 C CA  . LEU A 1 41 ? -7.306  -7.891  6.902   1.00 78.82 ? 39 LEU A CA  1 
ATOM   303 C C   . LEU A 1 41 ? -7.565  -9.353  7.292   1.00 78.34 ? 39 LEU A C   1 
ATOM   304 O O   . LEU A 1 41 ? -6.709  -9.991  7.930   1.00 77.81 ? 39 LEU A O   1 
ATOM   305 C CB  . LEU A 1 41 ? -6.864  -7.836  5.451   1.00 78.58 ? 39 LEU A CB  1 
ATOM   306 C CG  . LEU A 1 41 ? -6.545  -6.450  4.864   1.00 79.18 ? 39 LEU A CG  1 
ATOM   307 C CD1 . LEU A 1 41 ? -5.751  -6.591  3.585   1.00 77.23 ? 39 LEU A CD1 1 
ATOM   308 C CD2 . LEU A 1 41 ? -7.811  -5.640  4.641   1.00 79.38 ? 39 LEU A CD2 1 
ATOM   309 N N   . PRO A 1 42 ? -8.750  -9.888  6.896   1.00 77.57 ? 40 PRO A N   1 
ATOM   310 C CA  . PRO A 1 42 ? -9.083  -11.285 7.086   1.00 76.93 ? 40 PRO A CA  1 
ATOM   311 C C   . PRO A 1 42 ? -8.144  -12.168 6.290   1.00 76.36 ? 40 PRO A C   1 
ATOM   312 O O   . PRO A 1 42 ? -7.519  -11.695 5.334   1.00 75.79 ? 40 PRO A O   1 
ATOM   313 C CB  . PRO A 1 42 ? -10.504 -11.390 6.517   1.00 77.09 ? 40 PRO A CB  1 
ATOM   314 C CG  . PRO A 1 42 ? -10.641 -10.263 5.615   1.00 76.84 ? 40 PRO A CG  1 
ATOM   315 C CD  . PRO A 1 42 ? -9.856  -9.171  6.233   1.00 77.86 ? 40 PRO A CD  1 
ATOM   316 N N   . LYS A 1 43 ? -8.073  -13.443 6.671   1.00 75.63 ? 41 LYS A N   1 
ATOM   317 C CA  . LYS A 1 43 ? -7.083  -14.360 6.112   1.00 75.39 ? 41 LYS A CA  1 
ATOM   318 C C   . LYS A 1 43 ? -7.195  -14.605 4.608   1.00 74.77 ? 41 LYS A C   1 
ATOM   319 O O   . LYS A 1 43 ? -6.192  -14.881 3.955   1.00 74.00 ? 41 LYS A O   1 
ATOM   320 C CB  . LYS A 1 43 ? -7.091  -15.678 6.866   1.00 75.52 ? 41 LYS A CB  1 
ATOM   321 C CG  . LYS A 1 43 ? -6.240  -15.650 8.118   1.00 76.20 ? 41 LYS A CG  1 
ATOM   322 C CD  . LYS A 1 43 ? -6.333  -17.018 8.768   1.00 78.19 ? 41 LYS A CD  1 
ATOM   323 C CE  . LYS A 1 43 ? -5.874  -17.010 10.224  1.00 78.11 ? 41 LYS A CE  1 
ATOM   324 N NZ  . LYS A 1 43 ? -6.641  -18.179 10.856  1.00 77.78 ? 41 LYS A NZ  1 
ATOM   325 N N   . SER A 1 44 ? -8.421  -14.506 4.087   1.00 74.74 ? 42 SER A N   1 
ATOM   326 C CA  . SER A 1 44 ? -8.719  -14.652 2.662   1.00 74.61 ? 42 SER A CA  1 
ATOM   327 C C   . SER A 1 44 ? -7.780  -13.778 1.871   1.00 74.72 ? 42 SER A C   1 
ATOM   328 O O   . SER A 1 44 ? -7.234  -14.201 0.843   1.00 74.74 ? 42 SER A O   1 
ATOM   329 C CB  . SER A 1 44 ? -10.134 -14.166 2.358   1.00 74.26 ? 42 SER A CB  1 
ATOM   330 O OG  . SER A 1 44 ? -10.888 -13.950 3.640   1.00 75.28 ? 42 SER A OG  1 
ATOM   331 N N   . LEU A 1 45 ? -7.602  -12.553 2.372   1.00 74.85 ? 43 LEU A N   1 
ATOM   332 C CA  . LEU A 1 45 ? -6.889  -11.489 1.662   1.00 75.29 ? 43 LEU A CA  1 
ATOM   333 C C   . LEU A 1 45 ? -5.424  -11.344 2.025   1.00 75.26 ? 43 LEU A C   1 
ATOM   334 O O   . LEU A 1 45 ? -4.644  -10.785 1.255   1.00 75.46 ? 43 LEU A O   1 
ATOM   335 C CB  . LEU A 1 45 ? -7.561  -10.142 1.938   1.00 75.03 ? 43 LEU A CB  1 
ATOM   336 C CG  . LEU A 1 45 ? -8.879  -9.800  1.242   1.00 75.34 ? 43 LEU A CG  1 
ATOM   337 C CD1 . LEU A 1 45 ? -9.243  -8.333  1.563   1.00 75.05 ? 43 LEU A CD1 1 
ATOM   338 C CD2 . LEU A 1 45 ? -8.841  -10.076 -0.279  1.00 71.36 ? 43 LEU A CD2 1 
ATOM   339 N N   . SER A 1 46 ? -5.073  -11.784 3.228   1.00 75.20 ? 44 SER A N   1 
ATOM   340 C CA  . SER A 1 46 ? -3.748  -11.527 3.796   1.00 75.25 ? 44 SER A CA  1 
ATOM   341 C C   . SER A 1 46 ? -2.598  -11.905 2.861   1.00 74.68 ? 44 SER A C   1 
ATOM   342 O O   . SER A 1 46 ? -1.649  -11.145 2.705   1.00 74.13 ? 44 SER A O   1 
ATOM   343 C CB  . SER A 1 46 ? -3.601  -12.255 5.134   1.00 75.44 ? 44 SER A CB  1 
ATOM   344 O OG  . SER A 1 46 ? -4.361  -11.591 6.123   1.00 76.70 ? 44 SER A OG  1 
ATOM   345 N N   . GLU A 1 47 ? -2.700  -13.093 2.262   1.00 74.41 ? 45 GLU A N   1 
ATOM   346 C CA  . GLU A 1 47 ? -1.657  -13.664 1.413   1.00 74.13 ? 45 GLU A CA  1 
ATOM   347 C C   . GLU A 1 47 ? -1.445  -12.802 0.186   1.00 73.12 ? 45 GLU A C   1 
ATOM   348 O O   . GLU A 1 47 ? -0.313  -12.493 -0.167  1.00 72.50 ? 45 GLU A O   1 
ATOM   349 C CB  . GLU A 1 47 ? -2.051  -15.078 1.012   1.00 73.86 ? 45 GLU A CB  1 
ATOM   350 C CG  . GLU A 1 47 ? -1.191  -15.787 -0.026  1.00 74.29 ? 45 GLU A CG  1 
ATOM   351 C CD  . GLU A 1 47 ? -1.579  -17.265 -0.106  1.00 77.54 ? 45 GLU A CD  1 
ATOM   352 O OE1 . GLU A 1 47 ? -2.805  -17.574 -0.014  1.00 77.05 ? 45 GLU A OE1 1 
ATOM   353 O OE2 . GLU A 1 47 ? -0.669  -18.124 -0.238  1.00 81.24 ? 45 GLU A OE2 1 
ATOM   354 N N   . GLU A 1 48 ? -2.546  -12.420 -0.452  1.00 72.46 ? 46 GLU A N   1 
ATOM   355 C CA  . GLU A 1 48 ? -2.484  -11.593 -1.624  1.00 72.14 ? 46 GLU A CA  1 
ATOM   356 C C   . GLU A 1 48 ? -1.899  -10.275 -1.175  1.00 72.28 ? 46 GLU A C   1 
ATOM   357 O O   . GLU A 1 48 ? -1.066  -9.693  -1.883  1.00 72.33 ? 46 GLU A O   1 
ATOM   358 C CB  . GLU A 1 48 ? -3.861  -11.410 -2.259  1.00 72.04 ? 46 GLU A CB  1 
ATOM   359 C CG  . GLU A 1 48 ? -4.324  -12.562 -3.140  1.00 71.94 ? 46 GLU A CG  1 
ATOM   360 C CD  . GLU A 1 48 ? -4.814  -13.776 -2.336  1.00 75.98 ? 46 GLU A CD  1 
ATOM   361 O OE1 . GLU A 1 48 ? -5.146  -13.594 -1.124  1.00 74.61 ? 46 GLU A OE1 1 
ATOM   362 O OE2 . GLU A 1 48 ? -4.863  -14.913 -2.915  1.00 75.76 ? 46 GLU A OE2 1 
ATOM   363 N N   . CYS A 1 49 ? -2.311  -9.828  0.009   1.00 71.92 ? 47 CYS A N   1 
ATOM   364 C CA  . CYS A 1 49 ? -1.841  -8.567  0.563   1.00 72.23 ? 47 CYS A CA  1 
ATOM   365 C C   . CYS A 1 49 ? -0.324  -8.584  0.687   1.00 72.27 ? 47 CYS A C   1 
ATOM   366 O O   . CYS A 1 49 ? 0.364   -7.621  0.268   1.00 72.72 ? 47 CYS A O   1 
ATOM   367 C CB  . CYS A 1 49 ? -2.522  -8.234  1.912   1.00 72.62 ? 47 CYS A CB  1 
ATOM   368 S SG  . CYS A 1 49 ? -2.020  -6.626  2.700   1.00 73.64 ? 47 CYS A SG  1 
ATOM   369 N N   . GLN A 1 50 ? 0.216   -9.676  1.214   1.00 72.09 ? 48 GLN A N   1 
ATOM   370 C CA  . GLN A 1 50 ? 1.656   -9.718  1.406   1.00 72.60 ? 48 GLN A CA  1 
ATOM   371 C C   . GLN A 1 50 ? 2.402   -9.888  0.097   1.00 71.99 ? 48 GLN A C   1 
ATOM   372 O O   . GLN A 1 50 ? 3.575   -9.594  0.041   1.00 71.15 ? 48 GLN A O   1 
ATOM   373 C CB  . GLN A 1 50 ? 2.090   -10.757 2.457   1.00 72.33 ? 48 GLN A CB  1 
ATOM   374 C CG  . GLN A 1 50 ? 3.589   -10.615 2.846   1.00 73.62 ? 48 GLN A CG  1 
ATOM   375 C CD  . GLN A 1 50 ? 3.857   -9.736  4.086   1.00 74.92 ? 48 GLN A CD  1 
ATOM   376 O OE1 . GLN A 1 50 ? 4.285   -8.592  3.974   1.00 72.02 ? 48 GLN A OE1 1 
ATOM   377 N NE2 . GLN A 1 50 ? 3.644   -10.315 5.289   1.00 79.25 ? 48 GLN A NE2 1 
ATOM   378 N N   . GLU A 1 51 ? 1.716   -10.398 -0.922  1.00 72.78 ? 49 GLU A N   1 
ATOM   379 C CA  . GLU A 1 51 ? 2.228   -10.443 -2.295  1.00 74.73 ? 49 GLU A CA  1 
ATOM   380 C C   . GLU A 1 51 ? 2.351   -9.026  -2.835  1.00 74.18 ? 49 GLU A C   1 
ATOM   381 O O   . GLU A 1 51 ? 3.352   -8.678  -3.448  1.00 75.42 ? 49 GLU A O   1 
ATOM   382 C CB  . GLU A 1 51 ? 1.315   -11.282 -3.221  1.00 74.70 ? 49 GLU A CB  1 
ATOM   383 C CG  . GLU A 1 51 ? 1.315   -10.851 -4.744  1.00 77.42 ? 49 GLU A CG  1 
ATOM   384 C CD  . GLU A 1 51 ? 0.922   -12.005 -5.724  1.00 78.37 ? 49 GLU A CD  1 
ATOM   385 O OE1 . GLU A 1 51 ? -0.128  -12.660 -5.502  1.00 80.71 ? 49 GLU A OE1 1 
ATOM   386 O OE2 . GLU A 1 51 ? 1.670   -12.256 -6.711  1.00 79.82 ? 49 GLU A OE2 1 
ATOM   387 N N   . VAL A 1 52 ? 1.335   -8.202  -2.595  1.00 73.61 ? 50 VAL A N   1 
ATOM   388 C CA  . VAL A 1 52 ? 1.416   -6.804  -2.996  1.00 72.56 ? 50 VAL A CA  1 
ATOM   389 C C   . VAL A 1 52 ? 2.505   -6.021  -2.215  1.00 72.61 ? 50 VAL A C   1 
ATOM   390 O O   . VAL A 1 52 ? 3.315   -5.370  -2.845  1.00 72.37 ? 50 VAL A O   1 
ATOM   391 C CB  . VAL A 1 52 ? 0.028   -6.164  -3.058  1.00 71.74 ? 50 VAL A CB  1 
ATOM   392 C CG1 . VAL A 1 52 ? 0.106   -4.662  -3.375  1.00 71.96 ? 50 VAL A CG1 1 
ATOM   393 C CG2 . VAL A 1 52 ? -0.776  -6.909  -4.113  1.00 70.50 ? 50 VAL A CG2 1 
ATOM   394 N N   . VAL A 1 53 ? 2.569   -6.136  -0.881  1.00 72.57 ? 51 VAL A N   1 
ATOM   395 C CA  . VAL A 1 53 ? 3.621   -5.458  -0.133  1.00 72.46 ? 51 VAL A CA  1 
ATOM   396 C C   . VAL A 1 53 ? 4.993   -5.848  -0.652  1.00 73.11 ? 51 VAL A C   1 
ATOM   397 O O   . VAL A 1 53 ? 5.852   -4.974  -0.850  1.00 74.05 ? 51 VAL A O   1 
ATOM   398 C CB  . VAL A 1 53 ? 3.627   -5.774  1.349   1.00 73.24 ? 51 VAL A CB  1 
ATOM   399 C CG1 . VAL A 1 53 ? 4.843   -5.113  1.994   1.00 72.49 ? 51 VAL A CG1 1 
ATOM   400 C CG2 . VAL A 1 53 ? 2.309   -5.352  2.058   1.00 74.24 ? 51 VAL A CG2 1 
ATOM   401 N N   . ASP A 1 54 ? 5.205   -7.130  -0.913  1.00 72.39 ? 52 ASP A N   1 
ATOM   402 C CA  . ASP A 1 54 ? 6.501   -7.607  -1.342  1.00 73.50 ? 52 ASP A CA  1 
ATOM   403 C C   . ASP A 1 54 ? 7.087   -7.101  -2.686  1.00 74.03 ? 52 ASP A C   1 
ATOM   404 O O   . ASP A 1 54 ? 8.310   -6.926  -2.833  1.00 73.89 ? 52 ASP A O   1 
ATOM   405 C CB  . ASP A 1 54 ? 6.477   -9.114  -1.333  1.00 74.31 ? 52 ASP A CB  1 
ATOM   406 C CG  . ASP A 1 54 ? 7.072   -9.659  -0.067  1.00 76.59 ? 52 ASP A CG  1 
ATOM   407 O OD1 . ASP A 1 54 ? 8.325   -9.569  0.035   1.00 78.77 ? 52 ASP A OD1 1 
ATOM   408 O OD2 . ASP A 1 54 ? 6.297   -10.115 0.815   1.00 74.84 ? 52 ASP A OD2 1 
ATOM   409 N N   . THR A 1 55 ? 6.215   -6.892  -3.664  1.00 73.92 ? 53 THR A N   1 
ATOM   410 C CA  . THR A 1 55 ? 6.625   -6.463  -4.978  1.00 73.37 ? 53 THR A CA  1 
ATOM   411 C C   . THR A 1 55 ? 6.307   -4.979  -5.110  1.00 72.88 ? 53 THR A C   1 
ATOM   412 O O   . THR A 1 55 ? 7.033   -4.234  -5.779  1.00 71.71 ? 53 THR A O   1 
ATOM   413 C CB  . THR A 1 55 ? 5.837   -7.261  -6.022  1.00 73.66 ? 53 THR A CB  1 
ATOM   414 O OG1 . THR A 1 55 ? 5.596   -8.587  -5.506  1.00 77.38 ? 53 THR A OG1 1 
ATOM   415 C CG2 . THR A 1 55 ? 6.587   -7.365  -7.298  1.00 71.84 ? 53 THR A CG2 1 
ATOM   416 N N   . TYR A 1 56 ? 5.207   -4.544  -4.474  1.00 71.98 ? 54 TYR A N   1 
ATOM   417 C CA  . TYR A 1 56 ? 4.720   -3.188  -4.702  1.00 71.22 ? 54 TYR A CA  1 
ATOM   418 C C   . TYR A 1 56 ? 4.878   -2.179  -3.564  1.00 71.31 ? 54 TYR A C   1 
ATOM   419 O O   . TYR A 1 56 ? 4.730   -0.986  -3.801  1.00 72.42 ? 54 TYR A O   1 
ATOM   420 C CB  . TYR A 1 56 ? 3.271   -3.239  -5.129  1.00 71.25 ? 54 TYR A CB  1 
ATOM   421 C CG  . TYR A 1 56 ? 3.038   -3.990  -6.408  1.00 70.70 ? 54 TYR A CG  1 
ATOM   422 C CD1 . TYR A 1 56 ? 3.082   -3.325  -7.628  1.00 69.86 ? 54 TYR A CD1 1 
ATOM   423 C CD2 . TYR A 1 56 ? 2.761   -5.362  -6.395  1.00 69.03 ? 54 TYR A CD2 1 
ATOM   424 C CE1 . TYR A 1 56 ? 2.861   -3.999  -8.819  1.00 71.84 ? 54 TYR A CE1 1 
ATOM   425 C CE2 . TYR A 1 56 ? 2.547   -6.076  -7.564  1.00 68.17 ? 54 TYR A CE2 1 
ATOM   426 C CZ  . TYR A 1 56 ? 2.583   -5.389  -8.777  1.00 73.89 ? 54 TYR A CZ  1 
ATOM   427 O OH  . TYR A 1 56 ? 2.348   -6.062  -9.962  1.00 74.15 ? 54 TYR A OH  1 
ATOM   428 N N   . GLY A 1 57 ? 5.206   -2.631  -2.364  1.00 70.17 ? 55 GLY A N   1 
ATOM   429 C CA  . GLY A 1 57 ? 5.025   -1.839  -1.159  1.00 70.26 ? 55 GLY A CA  1 
ATOM   430 C C   . GLY A 1 57 ? 5.803   -0.549  -1.213  1.00 70.53 ? 55 GLY A C   1 
ATOM   431 O O   . GLY A 1 57 ? 5.232   0.556   -1.206  1.00 72.55 ? 55 GLY A O   1 
ATOM   432 N N   . SER A 1 58 ? 7.103   -0.700  -1.353  1.00 69.84 ? 56 SER A N   1 
ATOM   433 C CA  . SER A 1 58 ? 8.039   0.385   -1.380  1.00 69.60 ? 56 SER A CA  1 
ATOM   434 C C   . SER A 1 58 ? 7.870   1.181   -2.657  1.00 69.35 ? 56 SER A C   1 
ATOM   435 O O   . SER A 1 58 ? 8.149   2.394   -2.633  1.00 71.26 ? 56 SER A O   1 
ATOM   436 C CB  . SER A 1 58 ? 9.459   -0.179  -1.295  1.00 70.01 ? 56 SER A CB  1 
ATOM   437 O OG  . SER A 1 58 ? 9.707   -1.001  -2.420  1.00 70.15 ? 56 SER A OG  1 
ATOM   438 N N   . SER A 1 59 ? 7.433   0.553   -3.765  1.00 67.92 ? 57 SER A N   1 
ATOM   439 C CA  . SER A 1 59 ? 7.084   1.354   -4.979  1.00 68.24 ? 57 SER A CA  1 
ATOM   440 C C   . SER A 1 59 ? 5.843   2.174   -4.795  1.00 67.11 ? 57 SER A C   1 
ATOM   441 O O   . SER A 1 59 ? 5.801   3.287   -5.235  1.00 69.30 ? 57 SER A O   1 
ATOM   442 C CB  . SER A 1 59 ? 6.975   0.548   -6.269  1.00 68.29 ? 57 SER A CB  1 
ATOM   443 O OG  . SER A 1 59 ? 8.239   -0.039  -6.616  1.00 71.03 ? 57 SER A OG  1 
ATOM   444 N N   . ILE A 1 60 ? 4.830   1.641   -4.134  1.00 67.76 ? 58 ILE A N   1 
ATOM   445 C CA  . ILE A 1 60 ? 3.672   2.442   -3.682  1.00 67.60 ? 58 ILE A CA  1 
ATOM   446 C C   . ILE A 1 60 ? 4.090   3.677   -2.858  1.00 67.71 ? 58 ILE A C   1 
ATOM   447 O O   . ILE A 1 60 ? 3.711   4.786   -3.186  1.00 68.54 ? 58 ILE A O   1 
ATOM   448 C CB  . ILE A 1 60 ? 2.661   1.598   -2.884  1.00 67.82 ? 58 ILE A CB  1 
ATOM   449 C CG1 . ILE A 1 60 ? 1.953   0.606   -3.816  1.00 68.68 ? 58 ILE A CG1 1 
ATOM   450 C CG2 . ILE A 1 60 ? 1.589   2.485   -2.260  1.00 67.53 ? 58 ILE A CG2 1 
ATOM   451 C CD1 . ILE A 1 60 ? 1.000   -0.413  -3.055  1.00 68.05 ? 58 ILE A CD1 1 
ATOM   452 N N   . LEU A 1 61 ? 4.845   3.456   -1.785  1.00 68.56 ? 59 LEU A N   1 
ATOM   453 C CA  . LEU A 1 61 ? 5.330   4.509   -0.897  1.00 67.88 ? 59 LEU A CA  1 
ATOM   454 C C   . LEU A 1 61 ? 6.067   5.601   -1.659  1.00 68.74 ? 59 LEU A C   1 
ATOM   455 O O   . LEU A 1 61 ? 5.760   6.764   -1.481  1.00 70.23 ? 59 LEU A O   1 
ATOM   456 C CB  . LEU A 1 61 ? 6.273   3.911   0.130   1.00 67.31 ? 59 LEU A CB  1 
ATOM   457 C CG  . LEU A 1 61 ? 6.970   4.844   1.125   1.00 65.48 ? 59 LEU A CG  1 
ATOM   458 C CD1 . LEU A 1 61 ? 5.962   5.550   2.024   1.00 63.22 ? 59 LEU A CD1 1 
ATOM   459 C CD2 . LEU A 1 61 ? 7.835   3.981   1.958   1.00 62.04 ? 59 LEU A CD2 1 
ATOM   460 N N   . SER A 1 62 ? 7.050   5.231   -2.479  1.00 68.90 ? 60 SER A N   1 
ATOM   461 C CA  . SER A 1 62 ? 7.868   6.216   -3.223  1.00 69.97 ? 60 SER A CA  1 
ATOM   462 C C   . SER A 1 62 ? 7.052   7.069   -4.116  1.00 69.37 ? 60 SER A C   1 
ATOM   463 O O   . SER A 1 62 ? 7.283   8.236   -4.122  1.00 71.22 ? 60 SER A O   1 
ATOM   464 C CB  . SER A 1 62 ? 8.932   5.570   -4.107  1.00 70.53 ? 60 SER A CB  1 
ATOM   465 O OG  . SER A 1 62 ? 9.821   4.828   -3.301  1.00 70.39 ? 60 SER A OG  1 
ATOM   466 N N   . ILE A 1 63 ? 6.109   6.483   -4.861  1.00 70.05 ? 61 ILE A N   1 
ATOM   467 C CA  . ILE A 1 63 ? 5.223   7.230   -5.751  1.00 71.16 ? 61 ILE A CA  1 
ATOM   468 C C   . ILE A 1 63 ? 4.344   8.215   -4.931  1.00 72.57 ? 61 ILE A C   1 
ATOM   469 O O   . ILE A 1 63 ? 4.236   9.407   -5.279  1.00 71.34 ? 61 ILE A O   1 
ATOM   470 C CB  . ILE A 1 63 ? 4.357   6.305   -6.693  1.00 71.78 ? 61 ILE A CB  1 
ATOM   471 C CG1 . ILE A 1 63 ? 5.209   5.518   -7.678  1.00 70.24 ? 61 ILE A CG1 1 
ATOM   472 C CG2 . ILE A 1 63 ? 3.383   7.105   -7.544  1.00 69.68 ? 61 ILE A CG2 1 
ATOM   473 C CD1 . ILE A 1 63 ? 4.433   4.402   -8.356  1.00 69.20 ? 61 ILE A CD1 1 
ATOM   474 N N   . LEU A 1 64 ? 3.778   7.712   -3.830  1.00 72.72 ? 62 LEU A N   1 
ATOM   475 C CA  . LEU A 1 64 ? 3.026   8.548   -2.921  1.00 73.35 ? 62 LEU A CA  1 
ATOM   476 C C   . LEU A 1 64 ? 3.936   9.667   -2.466  1.00 74.27 ? 62 LEU A C   1 
ATOM   477 O O   . LEU A 1 64 ? 3.495   10.799  -2.348  1.00 74.91 ? 62 LEU A O   1 
ATOM   478 C CB  . LEU A 1 64 ? 2.565   7.746   -1.708  1.00 72.18 ? 62 LEU A CB  1 
ATOM   479 C CG  . LEU A 1 64 ? 1.453   6.686   -1.893  1.00 71.49 ? 62 LEU A CG  1 
ATOM   480 C CD1 . LEU A 1 64 ? 1.184   5.834   -0.619  1.00 69.89 ? 62 LEU A CD1 1 
ATOM   481 C CD2 . LEU A 1 64 ? 0.176   7.312   -2.404  1.00 64.47 ? 62 LEU A CD2 1 
ATOM   482 N N   . LEU A 1 65 ? 5.207   9.365   -2.205  1.00 74.76 ? 63 LEU A N   1 
ATOM   483 C CA  . LEU A 1 65 ? 6.060   10.377  -1.634  1.00 75.31 ? 63 LEU A CA  1 
ATOM   484 C C   . LEU A 1 65 ? 6.413   11.375  -2.701  1.00 76.33 ? 63 LEU A C   1 
ATOM   485 O O   . LEU A 1 65 ? 6.756   12.519  -2.374  1.00 77.25 ? 63 LEU A O   1 
ATOM   486 C CB  . LEU A 1 65 ? 7.299   9.802   -0.918  1.00 74.97 ? 63 LEU A CB  1 
ATOM   487 C CG  . LEU A 1 65 ? 7.142   9.029   0.423   1.00 75.84 ? 63 LEU A CG  1 
ATOM   488 C CD1 . LEU A 1 65 ? 8.471   8.668   1.011   1.00 71.27 ? 63 LEU A CD1 1 
ATOM   489 C CD2 . LEU A 1 65 ? 6.333   9.818   1.478   1.00 78.49 ? 63 LEU A CD2 1 
ATOM   490 N N   . GLU A 1 66 ? 6.307   10.993  -3.980  1.00 77.75 ? 64 GLU A N   1 
ATOM   491 C CA  . GLU A 1 66 ? 6.483   12.011  -5.078  1.00 79.08 ? 64 GLU A CA  1 
ATOM   492 C C   . GLU A 1 66 ? 5.319   12.911  -5.269  1.00 78.01 ? 64 GLU A C   1 
ATOM   493 O O   . GLU A 1 66 ? 5.334   13.707  -6.201  1.00 78.72 ? 64 GLU A O   1 
ATOM   494 C CB  . GLU A 1 66 ? 6.743   11.369  -6.429  1.00 79.83 ? 64 GLU A CB  1 
ATOM   495 C CG  . GLU A 1 66 ? 7.971   10.573  -6.395  1.00 85.42 ? 64 GLU A CG  1 
ATOM   496 C CD  . GLU A 1 66 ? 9.102   11.453  -5.968  1.00 89.67 ? 64 GLU A CD  1 
ATOM   497 O OE1 . GLU A 1 66 ? 9.367   12.412  -6.697  1.00 88.27 ? 64 GLU A OE1 1 
ATOM   498 O OE2 . GLU A 1 66 ? 9.698   11.195  -4.894  1.00 94.09 ? 64 GLU A OE2 1 
ATOM   499 N N   . GLU A 1 67 ? 4.287   12.777  -4.441  1.00 77.61 ? 65 GLU A N   1 
ATOM   500 C CA  . GLU A 1 67 ? 3.123   13.645  -4.578  1.00 77.68 ? 65 GLU A CA  1 
ATOM   501 C C   . GLU A 1 67 ? 2.226   13.273  -5.770  1.00 75.95 ? 65 GLU A C   1 
ATOM   502 O O   . GLU A 1 67 ? 1.495   14.099  -6.266  1.00 74.71 ? 65 GLU A O   1 
ATOM   503 C CB  . GLU A 1 67 ? 3.573   15.107  -4.773  1.00 78.22 ? 65 GLU A CB  1 
ATOM   504 C CG  . GLU A 1 67 ? 3.566   15.969  -3.533  1.00 80.80 ? 65 GLU A CG  1 
ATOM   505 C CD  . GLU A 1 67 ? 4.860   15.884  -2.753  1.00 83.07 ? 65 GLU A CD  1 
ATOM   506 O OE1 . GLU A 1 67 ? 5.911   16.362  -3.252  1.00 84.28 ? 65 GLU A OE1 1 
ATOM   507 O OE2 . GLU A 1 67 ? 4.817   15.368  -1.622  1.00 84.12 ? 65 GLU A OE2 1 
ATOM   508 N N   . VAL A 1 68 ? 2.309   12.035  -6.226  1.00 74.73 ? 66 VAL A N   1 
ATOM   509 C CA  . VAL A 1 68 ? 1.299   11.497  -7.116  1.00 73.78 ? 66 VAL A CA  1 
ATOM   510 C C   . VAL A 1 68 ? 0.032   11.179  -6.301  1.00 73.80 ? 66 VAL A C   1 
ATOM   511 O O   . VAL A 1 68 ? 0.105   10.636  -5.181  1.00 73.10 ? 66 VAL A O   1 
ATOM   512 C CB  . VAL A 1 68 ? 1.825   10.262  -7.915  1.00 73.85 ? 66 VAL A CB  1 
ATOM   513 C CG1 . VAL A 1 68 ? 0.763   9.710   -8.943  1.00 72.18 ? 66 VAL A CG1 1 
ATOM   514 C CG2 . VAL A 1 68 ? 3.127   10.645  -8.642  1.00 70.52 ? 66 VAL A CG2 1 
ATOM   515 N N   . SER A 1 69 ? -1.119  11.549  -6.861  1.00 73.21 ? 67 SER A N   1 
ATOM   516 C CA  . SER A 1 69 ? -2.411  11.368  -6.215  1.00 73.94 ? 67 SER A CA  1 
ATOM   517 C C   . SER A 1 69 ? -2.634  9.922   -5.803  1.00 74.54 ? 67 SER A C   1 
ATOM   518 O O   . SER A 1 69 ? -2.482  9.012   -6.628  1.00 75.29 ? 67 SER A O   1 
ATOM   519 C CB  . SER A 1 69 ? -3.515  11.797  -7.144  1.00 73.88 ? 67 SER A CB  1 
ATOM   520 O OG  . SER A 1 69 ? -4.759  11.535  -6.543  1.00 76.31 ? 67 SER A OG  1 
ATOM   521 N N   . PRO A 1 70 ? -2.971  9.693   -4.517  1.00 74.51 ? 68 PRO A N   1 
ATOM   522 C CA  . PRO A 1 70 ? -3.280  8.317   -4.024  1.00 74.87 ? 68 PRO A CA  1 
ATOM   523 C C   . PRO A 1 70 ? -4.182  7.537   -5.017  1.00 74.61 ? 68 PRO A C   1 
ATOM   524 O O   . PRO A 1 70 ? -3.887  6.376   -5.343  1.00 75.73 ? 68 PRO A O   1 
ATOM   525 C CB  . PRO A 1 70 ? -4.031  8.549   -2.693  1.00 74.63 ? 68 PRO A CB  1 
ATOM   526 C CG  . PRO A 1 70 ? -3.785  10.011  -2.325  1.00 75.79 ? 68 PRO A CG  1 
ATOM   527 C CD  . PRO A 1 70 ? -3.065  10.723  -3.466  1.00 74.10 ? 68 PRO A CD  1 
ATOM   528 N N   . GLU A 1 71 ? -5.244  8.189   -5.483  1.00 72.42 ? 69 GLU A N   1 
ATOM   529 C CA  . GLU A 1 71 ? -6.103  7.710   -6.573  1.00 72.71 ? 69 GLU A CA  1 
ATOM   530 C C   . GLU A 1 71 ? -5.449  7.033   -7.762  1.00 72.10 ? 69 GLU A C   1 
ATOM   531 O O   . GLU A 1 71 ? -6.100  6.235   -8.408  1.00 72.87 ? 69 GLU A O   1 
ATOM   532 C CB  . GLU A 1 71 ? -6.876  8.880   -7.198  1.00 71.10 ? 69 GLU A CB  1 
ATOM   533 C CG  . GLU A 1 71 ? -8.029  9.396   -6.452  1.00 72.94 ? 69 GLU A CG  1 
ATOM   534 C CD  . GLU A 1 71 ? -8.692  10.544  -7.233  1.00 75.46 ? 69 GLU A CD  1 
ATOM   535 O OE1 . GLU A 1 71 ? -8.158  11.686  -7.236  1.00 75.44 ? 69 GLU A OE1 1 
ATOM   536 O OE2 . GLU A 1 71 ? -9.721  10.287  -7.884  1.00 73.81 ? 69 GLU A OE2 1 
ATOM   537 N N   . LEU A 1 72 ? -4.238  7.442   -8.132  1.00 71.48 ? 70 LEU A N   1 
ATOM   538 C CA  . LEU A 1 72 ? -3.622  6.991   -9.415  1.00 71.32 ? 70 LEU A CA  1 
ATOM   539 C C   . LEU A 1 72 ? -2.560  5.919   -9.228  1.00 71.78 ? 70 LEU A C   1 
ATOM   540 O O   . LEU A 1 72 ? -2.061  5.350   -10.202 1.00 72.32 ? 70 LEU A O   1 
ATOM   541 C CB  . LEU A 1 72 ? -3.043  8.174   -10.213 1.00 69.64 ? 70 LEU A CB  1 
ATOM   542 C CG  . LEU A 1 72 ? -4.059  9.313   -10.388 1.00 67.47 ? 70 LEU A CG  1 
ATOM   543 C CD1 . LEU A 1 72 ? -3.454  10.525  -11.077 1.00 63.11 ? 70 LEU A CD1 1 
ATOM   544 C CD2 . LEU A 1 72 ? -5.317  8.815   -11.140 1.00 65.99 ? 70 LEU A CD2 1 
ATOM   545 N N   . VAL A 1 73 ? -2.223  5.662   -7.973  1.00 72.33 ? 71 VAL A N   1 
ATOM   546 C CA  . VAL A 1 73 ? -1.082  4.855   -7.673  1.00 73.60 ? 71 VAL A CA  1 
ATOM   547 C C   . VAL A 1 73 ? -1.328  3.446   -8.193  1.00 73.68 ? 71 VAL A C   1 
ATOM   548 O O   . VAL A 1 73 ? -0.522  2.902   -8.927  1.00 73.72 ? 71 VAL A O   1 
ATOM   549 C CB  . VAL A 1 73 ? -0.732  4.891   -6.141  1.00 74.22 ? 71 VAL A CB  1 
ATOM   550 C CG1 . VAL A 1 73 ? 0.442   3.881   -5.844  1.00 76.02 ? 71 VAL A CG1 1 
ATOM   551 C CG2 . VAL A 1 73 ? -0.304  6.304   -5.713  1.00 71.51 ? 71 VAL A CG2 1 
ATOM   552 N N   . CYS A 1 74 ? -2.467  2.869   -7.825  1.00 74.29 ? 72 CYS A N   1 
ATOM   553 C CA  . CYS A 1 74 ? -2.744  1.470   -8.085  1.00 74.24 ? 72 CYS A CA  1 
ATOM   554 C C   . CYS A 1 74 ? -2.859  1.189   -9.593  1.00 74.17 ? 72 CYS A C   1 
ATOM   555 O O   . CYS A 1 74 ? -2.417  0.135   -10.063 1.00 73.77 ? 72 CYS A O   1 
ATOM   556 C CB  . CYS A 1 74 ? -3.989  1.046   -7.338  1.00 74.29 ? 72 CYS A CB  1 
ATOM   557 S SG  . CYS A 1 74 ? -3.702  0.775   -5.533  1.00 77.87 ? 72 CYS A SG  1 
ATOM   558 N N   . SER A 1 75 ? -3.421  2.128   -10.350 1.00 73.42 ? 73 SER A N   1 
ATOM   559 C CA  . SER A 1 75 ? -3.572  1.885   -11.771 1.00 74.27 ? 73 SER A CA  1 
ATOM   560 C C   . SER A 1 75 ? -2.238  2.144   -12.505 1.00 74.42 ? 73 SER A C   1 
ATOM   561 O O   . SER A 1 75 ? -1.918  1.468   -13.475 1.00 74.42 ? 73 SER A O   1 
ATOM   562 C CB  . SER A 1 75 ? -4.795  2.628   -12.349 1.00 73.71 ? 73 SER A CB  1 
ATOM   563 O OG  . SER A 1 75 ? -4.489  3.944   -12.771 1.00 75.44 ? 73 SER A OG  1 
ATOM   564 N N   . MET A 1 76 ? -1.445  3.073   -11.984 1.00 75.23 ? 74 MET A N   1 
ATOM   565 C CA  . MET A 1 76 ? -0.087  3.341   -12.473 1.00 77.40 ? 74 MET A CA  1 
ATOM   566 C C   . MET A 1 76 ? 0.774   2.093   -12.414 1.00 75.31 ? 74 MET A C   1 
ATOM   567 O O   . MET A 1 76 ? 1.637   1.875   -13.257 1.00 74.43 ? 74 MET A O   1 
ATOM   568 C CB  . MET A 1 76 ? 0.578   4.408   -11.604 1.00 77.20 ? 74 MET A CB  1 
ATOM   569 C CG  . MET A 1 76 ? 1.656   5.160   -12.277 1.00 80.61 ? 74 MET A CG  1 
ATOM   570 S SD  . MET A 1 76 ? 1.934   6.795   -11.536 1.00 84.73 ? 74 MET A SD  1 
ATOM   571 C CE  . MET A 1 76 ? 0.244   7.344   -11.418 1.00 84.00 ? 74 MET A CE  1 
ATOM   572 N N   . LEU A 1 77 ? 0.532   1.311   -11.369 1.00 74.07 ? 75 LEU A N   1 
ATOM   573 C CA  . LEU A 1 77 ? 1.250   0.084   -11.082 1.00 72.40 ? 75 LEU A CA  1 
ATOM   574 C C   . LEU A 1 77 ? 0.529   -1.170  -11.637 1.00 72.09 ? 75 LEU A C   1 
ATOM   575 O O   . LEU A 1 77 ? 0.975   -2.302  -11.413 1.00 71.24 ? 75 LEU A O   1 
ATOM   576 C CB  . LEU A 1 77 ? 1.438   -0.055  -9.550  1.00 71.67 ? 75 LEU A CB  1 
ATOM   577 C CG  . LEU A 1 77 ? 2.346   0.974   -8.865  1.00 69.25 ? 75 LEU A CG  1 
ATOM   578 C CD1 . LEU A 1 77 ? 2.316   0.665   -7.451  1.00 70.86 ? 75 LEU A CD1 1 
ATOM   579 C CD2 . LEU A 1 77 ? 3.798   1.004   -9.332  1.00 67.92 ? 75 LEU A CD2 1 
ATOM   580 N N   . HIS A 1 78 ? -0.564  -0.951  -12.360 1.00 71.53 ? 76 HIS A N   1 
ATOM   581 C CA  . HIS A 1 78 ? -1.321  -2.018  -13.007 1.00 72.93 ? 76 HIS A CA  1 
ATOM   582 C C   . HIS A 1 78 ? -1.858  -3.034  -12.041 1.00 74.14 ? 76 HIS A C   1 
ATOM   583 O O   . HIS A 1 78 ? -1.961  -4.200  -12.413 1.00 74.94 ? 76 HIS A O   1 
ATOM   584 C CB  . HIS A 1 78 ? -0.487  -2.696  -14.127 1.00 72.73 ? 76 HIS A CB  1 
ATOM   585 C CG  . HIS A 1 78 ? -0.189  -1.782  -15.277 1.00 73.96 ? 76 HIS A CG  1 
ATOM   586 N ND1 . HIS A 1 78 ? 0.996   -1.088  -15.389 1.00 73.77 ? 76 HIS A ND1 1 
ATOM   587 C CD2 . HIS A 1 78 ? -0.960  -1.379  -16.309 1.00 72.55 ? 76 HIS A CD2 1 
ATOM   588 C CE1 . HIS A 1 78 ? 0.965   -0.331  -16.467 1.00 75.58 ? 76 HIS A CE1 1 
ATOM   589 N NE2 . HIS A 1 78 ? -0.215  -0.482  -17.045 1.00 79.16 ? 76 HIS A NE2 1 
ATOM   590 N N   . LEU A 1 79 ? -2.162  -2.620  -10.809 1.00 75.86 ? 77 LEU A N   1 
ATOM   591 C CA  . LEU A 1 79 ? -2.944  -3.468  -9.865  1.00 78.88 ? 77 LEU A CA  1 
ATOM   592 C C   . LEU A 1 79 ? -4.468  -3.268  -9.938  1.00 79.84 ? 77 LEU A C   1 
ATOM   593 O O   . LEU A 1 79 ? -5.231  -4.165  -9.618  1.00 80.72 ? 77 LEU A O   1 
ATOM   594 C CB  . LEU A 1 79 ? -2.489  -3.222  -8.434  1.00 79.36 ? 77 LEU A CB  1 
ATOM   595 C CG  . LEU A 1 79 ? -1.052  -3.698  -8.303  1.00 80.94 ? 77 LEU A CG  1 
ATOM   596 C CD1 . LEU A 1 79 ? -0.410  -2.956  -7.190  1.00 83.25 ? 77 LEU A CD1 1 
ATOM   597 C CD2 . LEU A 1 79 ? -1.022  -5.212  -8.097  1.00 83.46 ? 77 LEU A CD2 1 
ATOM   598 N N   . CYS A 1 80 ? -4.896  -2.081  -10.366 1.00 81.40 ? 78 CYS A N   1 
ATOM   599 C CA  . CYS A 1 80 ? -6.311  -1.764  -10.600 1.00 81.76 ? 78 CYS A CA  1 
ATOM   600 C C   . CYS A 1 80 ? -6.594  -1.392  -12.039 1.00 82.38 ? 78 CYS A C   1 
ATOM   601 O O   . CYS A 1 80 ? -5.674  -1.084  -12.815 1.00 81.87 ? 78 CYS A O   1 
ATOM   602 C CB  . CYS A 1 80 ? -6.742  -0.571  -9.747  1.00 80.75 ? 78 CYS A CB  1 
ATOM   603 S SG  . CYS A 1 80 ? -6.995  -0.938  -8.015  1.00 81.90 ? 78 CYS A SG  1 
ATOM   604 N N   . SER A 1 81 ? -7.893  -1.440  -12.353 1.00 83.64 ? 79 SER A N   1 
ATOM   605 C CA  . SER A 1 81 ? -8.563  -0.617  -13.383 1.00 85.01 ? 79 SER A CA  1 
ATOM   606 C C   . SER A 1 81 ? -8.921  -1.351  -14.661 1.00 85.50 ? 79 SER A C   1 
ATOM   607 O O   . SER A 1 81 ? -9.402  -0.724  -15.609 1.00 85.82 ? 79 SER A O   1 
ATOM   608 C CB  . SER A 1 81 ? -7.789  0.666   -13.690 1.00 84.93 ? 79 SER A CB  1 
ATOM   609 O OG  . SER A 1 81 ? -7.599  1.408   -12.496 1.00 86.51 ? 79 SER A OG  1 
HETATM 610 O O   . HOH B 2 .  ? -2.914  3.023   8.382   1.00 86.71 ? 82 HOH A O   1 
HETATM 611 O O   . HOH B 2 .  ? 8.161   -2.001  -4.885  1.00 53.88 ? 83 HOH A O   1 
HETATM 612 O O   . HOH B 2 .  ? -11.671 3.146   2.803   1.00 88.45 ? 84 HOH A O   1 
HETATM 613 O O   . HOH B 2 .  ? 2.957   -0.947  -13.754 1.00 66.19 ? 85 HOH A O   1 
HETATM 614 O O   . HOH B 2 .  ? 0.402   15.506  12.450  1.00 86.57 ? 86 HOH A O   1 
HETATM 615 O O   . HOH B 2 .  ? -1.241  -13.922 -3.892  1.00 81.27 ? 87 HOH A O   1 
HETATM 616 O O   . HOH B 2 .  ? 13.385  8.574   -0.426  1.00 91.93 ? 88 HOH A O   1 
HETATM 617 O O   . HOH B 2 .  ? 10.669  12.538  11.523  1.00 81.20 ? 89 HOH A O   1 
HETATM 618 O O   . HOH B 2 .  ? -6.334  -15.578 -0.811  1.00 59.99 ? 90 HOH A O   1 
HETATM 619 O O   . HOH B 2 .  ? -1.820  15.080  11.767  1.00 94.27 ? 91 HOH A O   1 
HETATM 620 O O   . HOH B 2 .  ? -13.133 -8.172  0.610   1.00 84.52 ? 92 HOH A O   1 
HETATM 621 O O   . HOH B 2 .  ? 8.299   -3.760  -1.165  1.00 78.34 ? 93 HOH A O   1 
# 
